data_3GIJ
#
_entry.id   3GIJ
#
_cell.length_a   51.264
_cell.length_b   107.409
_cell.length_c   97.867
_cell.angle_alpha   90.000
_cell.angle_beta   100.540
_cell.angle_gamma   90.000
#
_symmetry.space_group_name_H-M   'P 1 21 1'
#
loop_
_entity.id
_entity.type
_entity.pdbx_description
1 polymer 'DNA polymerase IV'
2 polymer "5'-D(*GP*TP*TP*GP*GP*AP*TP*GP*GP*TP*AP*GP*(2DA))-3'"
3 polymer "5'-D(*CP*TP*AP*AP*CP*(8OG)P*CP*TP*AP*CP*CP*AP*TP*CP*CP*AP*AP*C)-3'"
4 non-polymer "2'-DEOXYGUANOSINE-5'-TRIPHOSPHATE"
5 non-polymer 'CALCIUM ION'
6 water water
#
loop_
_entity_poly.entity_id
_entity_poly.type
_entity_poly.pdbx_seq_one_letter_code
_entity_poly.pdbx_strand_id
1 'polypeptide(L)'
;GIVLFVDFDYFYAQVEEVLNPSLKGKPVVVCVFSGRFEDSGAVATANYEARKFGVKAGIPIVEAKKILPNAVYLPMRKEV
YQQVSSRIMNLLREYSEKIEIASIDEAYLDISDKVRDYREAYNLGLEIKNKILEKEKITVTVGISKNKVFAKIAADMAKP
NGIKVIDDEEVKRLIRELDIADVPGIGNITAEKLKKLGINKLVDTLSIEFDKLKGMIGEAKAKYLISLARDEYNEPIRTR
VRKSIGRIVTMKRNSRNLEEIKPYLFRAIEESYYKLDKRIPKAIHVVAVTEDLDIVSRGRTFPHGISKETAYSESVKLLQ
KILEEDERKIRRIGVRFSKFI
;
A,B
2 'polydeoxyribonucleotide' (DG)(DT)(DT)(DG)(DG)(DA)(DT)(DG)(DG)(DT)(DA)(DG)(2DA) D,H
3 'polydeoxyribonucleotide' (DC)(DT)(DA)(DA)(DC)(8OG)(DC)(DT)(DA)(DC)(DC)(DA)(DT)(DC)(DC)(DA)(DA)(DC) E,J
#
loop_
_chem_comp.id
_chem_comp.type
_chem_comp.name
_chem_comp.formula
2DA DNA linking 2',3'-DIDEOXYADENOSINE-5'-MONOPHOSPHATE 'C10 H14 N5 O5 P'
8OG DNA linking 8-OXO-2'-DEOXY-GUANOSINE-5'-MONOPHOSPHATE 'C10 H14 N5 O8 P'
CA non-polymer 'CALCIUM ION' 'Ca 2'
DA DNA linking 2'-DEOXYADENOSINE-5'-MONOPHOSPHATE 'C10 H14 N5 O6 P'
DC DNA linking 2'-DEOXYCYTIDINE-5'-MONOPHOSPHATE 'C9 H14 N3 O7 P'
DG DNA linking 2'-DEOXYGUANOSINE-5'-MONOPHOSPHATE 'C10 H14 N5 O7 P'
DGT non-polymer 2'-DEOXYGUANOSINE-5'-TRIPHOSPHATE 'C10 H16 N5 O13 P3'
DT DNA linking THYMIDINE-5'-MONOPHOSPHATE 'C10 H15 N2 O8 P'
#
# COMPACT_ATOMS: atom_id res chain seq x y z
N GLY A 1 7.68 3.02 12.41
CA GLY A 1 7.22 2.77 13.82
C GLY A 1 6.63 1.38 14.02
N ILE A 2 7.28 0.59 14.88
CA ILE A 2 6.89 -0.81 15.05
C ILE A 2 6.67 -1.17 16.50
N VAL A 3 5.50 -1.73 16.79
CA VAL A 3 5.15 -2.12 18.14
C VAL A 3 5.08 -3.64 18.23
N LEU A 4 5.88 -4.21 19.13
CA LEU A 4 5.81 -5.63 19.39
C LEU A 4 5.09 -5.83 20.70
N PHE A 5 3.95 -6.52 20.63
CA PHE A 5 3.12 -6.74 21.79
C PHE A 5 3.33 -8.18 22.22
N VAL A 6 3.55 -8.40 23.51
CA VAL A 6 3.70 -9.73 24.05
C VAL A 6 2.61 -9.93 25.06
N ASP A 7 1.91 -11.05 24.96
CA ASP A 7 0.82 -11.41 25.86
C ASP A 7 1.18 -12.84 26.26
N PHE A 8 1.42 -13.07 27.54
CA PHE A 8 1.76 -14.41 27.99
C PHE A 8 0.60 -15.34 27.86
N ASP A 9 0.83 -16.55 27.39
CA ASP A 9 -0.25 -17.48 27.16
C ASP A 9 -0.81 -17.98 28.45
N TYR A 10 -2.13 -18.15 28.49
CA TYR A 10 -2.86 -18.59 29.70
C TYR A 10 -2.06 -18.36 30.96
N PHE A 11 -1.71 -17.11 31.22
CA PHE A 11 -0.59 -16.83 32.11
C PHE A 11 -0.56 -17.61 33.43
N TYR A 12 -1.54 -17.38 34.30
CA TYR A 12 -1.53 -17.95 35.64
C TYR A 12 -1.41 -19.45 35.65
N ALA A 13 -2.20 -20.10 34.81
CA ALA A 13 -2.23 -21.56 34.69
C ALA A 13 -0.94 -22.08 34.07
N GLN A 14 -0.36 -21.29 33.17
CA GLN A 14 0.89 -21.70 32.61
C GLN A 14 1.99 -21.66 33.65
N VAL A 15 2.00 -20.61 34.47
CA VAL A 15 2.99 -20.49 35.53
C VAL A 15 2.83 -21.68 36.46
N GLU A 16 1.59 -22.00 36.80
CA GLU A 16 1.28 -23.18 37.58
C GLU A 16 1.79 -24.46 36.93
N GLU A 17 1.68 -24.53 35.61
CA GLU A 17 2.18 -25.68 34.84
C GLU A 17 3.68 -25.73 34.79
N VAL A 18 4.31 -24.57 34.81
CA VAL A 18 5.74 -24.51 34.75
C VAL A 18 6.27 -24.90 36.12
N LEU A 19 5.61 -24.43 37.16
CA LEU A 19 5.96 -24.81 38.53
C LEU A 19 5.71 -26.29 38.75
N ASN A 20 4.67 -26.81 38.14
CA ASN A 20 4.32 -28.20 38.29
C ASN A 20 4.04 -28.74 36.92
N PRO A 21 5.10 -29.15 36.21
CA PRO A 21 5.05 -29.63 34.84
C PRO A 21 4.24 -30.91 34.64
N SER A 22 3.86 -31.57 35.72
CA SER A 22 3.00 -32.74 35.62
C SER A 22 1.60 -32.28 35.22
N LEU A 23 1.40 -30.97 35.28
CA LEU A 23 0.14 -30.33 34.98
C LEU A 23 -0.02 -30.11 33.48
N LYS A 24 1.07 -29.80 32.79
CA LYS A 24 1.01 -29.54 31.37
C LYS A 24 0.28 -30.71 30.73
N GLY A 25 -0.64 -30.42 29.82
CA GLY A 25 -1.35 -31.47 29.11
C GLY A 25 -2.73 -31.79 29.67
N LYS A 26 -2.97 -31.45 30.92
CA LYS A 26 -4.30 -31.61 31.49
C LYS A 26 -4.90 -30.25 31.89
N PRO A 27 -6.23 -30.21 32.11
CA PRO A 27 -6.85 -28.94 32.49
C PRO A 27 -6.40 -28.40 33.83
N VAL A 28 -6.01 -27.13 33.82
CA VAL A 28 -5.62 -26.42 35.01
C VAL A 28 -6.53 -25.22 35.09
N VAL A 29 -7.20 -25.08 36.21
CA VAL A 29 -8.03 -23.93 36.44
C VAL A 29 -7.41 -23.25 37.61
N VAL A 30 -7.03 -22.00 37.39
CA VAL A 30 -6.50 -21.18 38.43
C VAL A 30 -7.68 -20.39 38.98
N CYS A 31 -7.93 -20.56 40.27
CA CYS A 31 -9.13 -20.05 40.87
C CYS A 31 -8.86 -19.03 41.94
N VAL A 32 -9.77 -18.08 42.00
CA VAL A 32 -9.84 -17.14 43.09
C VAL A 32 -11.01 -17.56 43.96
N PHE A 33 -10.70 -18.28 45.03
CA PHE A 33 -11.69 -18.72 45.99
C PHE A 33 -12.14 -17.57 46.88
N SER A 34 -13.43 -17.25 46.85
CA SER A 34 -13.93 -16.11 47.63
C SER A 34 -14.04 -16.42 49.13
N GLY A 35 -14.24 -17.70 49.45
CA GLY A 35 -14.30 -18.10 50.87
C GLY A 35 -15.69 -18.31 51.43
N ARG A 36 -16.71 -17.77 50.76
CA ARG A 36 -18.09 -17.84 51.25
C ARG A 36 -18.59 -19.25 51.53
N PHE A 37 -18.25 -20.18 50.66
CA PHE A 37 -18.65 -21.56 50.82
C PHE A 37 -17.67 -22.42 50.06
N GLU A 38 -17.88 -23.73 50.12
CA GLU A 38 -17.06 -24.67 49.37
C GLU A 38 -16.97 -24.22 47.91
N ASP A 39 -15.74 -23.98 47.45
CA ASP A 39 -15.47 -23.65 46.06
C ASP A 39 -16.18 -22.37 45.61
N SER A 40 -16.49 -21.50 46.55
CA SER A 40 -17.00 -20.19 46.19
C SER A 40 -15.87 -19.43 45.49
N GLY A 41 -16.22 -18.64 44.49
CA GLY A 41 -15.23 -17.87 43.75
C GLY A 41 -15.30 -17.97 42.24
N ALA A 42 -14.31 -17.42 41.57
CA ALA A 42 -14.29 -17.45 40.11
C ALA A 42 -12.94 -17.93 39.59
N VAL A 43 -12.98 -18.39 38.36
CA VAL A 43 -11.78 -18.78 37.65
C VAL A 43 -11.07 -17.53 37.21
N ALA A 44 -9.77 -17.48 37.52
CA ALA A 44 -8.87 -16.43 37.08
C ALA A 44 -8.42 -16.74 35.67
N THR A 45 -7.97 -17.97 35.47
CA THR A 45 -7.62 -18.44 34.15
C THR A 45 -7.63 -19.95 34.18
N ALA A 46 -7.78 -20.53 33.03
CA ALA A 46 -7.67 -21.95 32.89
C ALA A 46 -6.73 -22.11 31.71
N ASN A 47 -6.03 -23.23 31.64
CA ASN A 47 -5.18 -23.44 30.47
C ASN A 47 -6.10 -23.76 29.31
N TYR A 48 -5.54 -23.93 28.13
CA TYR A 48 -6.37 -24.22 26.98
C TYR A 48 -7.04 -25.60 27.03
N GLU A 49 -6.50 -26.51 27.84
CA GLU A 49 -7.17 -27.80 28.04
C GLU A 49 -8.50 -27.55 28.76
N ALA A 50 -8.46 -26.81 29.86
CA ALA A 50 -9.69 -26.38 30.54
C ALA A 50 -10.61 -25.56 29.63
N ARG A 51 -10.05 -24.64 28.85
CA ARG A 51 -10.89 -23.79 28.02
C ARG A 51 -11.67 -24.54 26.97
N LYS A 52 -11.11 -25.64 26.50
CA LYS A 52 -11.79 -26.49 25.54
C LYS A 52 -13.15 -26.94 26.07
N PHE A 53 -13.35 -26.84 27.38
CA PHE A 53 -14.60 -27.25 28.01
C PHE A 53 -15.35 -26.09 28.61
N GLY A 54 -14.91 -24.88 28.30
CA GLY A 54 -15.65 -23.70 28.66
C GLY A 54 -15.25 -23.17 29.99
N VAL A 55 -14.22 -23.77 30.60
CA VAL A 55 -13.69 -23.20 31.82
C VAL A 55 -12.78 -22.04 31.44
N LYS A 56 -13.28 -20.82 31.62
CA LYS A 56 -12.49 -19.66 31.26
C LYS A 56 -12.50 -18.63 32.39
N ALA A 57 -11.61 -17.66 32.29
CA ALA A 57 -11.59 -16.56 33.25
C ALA A 57 -13.00 -16.02 33.45
N GLY A 58 -13.44 -15.99 34.69
CA GLY A 58 -14.71 -15.37 35.00
C GLY A 58 -15.79 -16.32 35.41
N ILE A 59 -15.80 -17.53 34.87
CA ILE A 59 -16.86 -18.43 35.30
C ILE A 59 -16.65 -18.76 36.78
N PRO A 60 -17.75 -19.01 37.49
CA PRO A 60 -17.67 -19.51 38.85
C PRO A 60 -16.92 -20.81 38.94
N ILE A 61 -16.08 -20.94 39.96
CA ILE A 61 -15.40 -22.18 40.24
C ILE A 61 -16.35 -23.36 40.22
N VAL A 62 -17.53 -23.21 40.82
CA VAL A 62 -18.49 -24.33 40.82
C VAL A 62 -19.03 -24.66 39.43
N GLU A 63 -19.14 -23.66 38.55
CA GLU A 63 -19.50 -23.88 37.15
C GLU A 63 -18.39 -24.66 36.46
N ALA A 64 -17.16 -24.21 36.67
CA ALA A 64 -15.98 -24.86 36.14
C ALA A 64 -15.91 -26.30 36.62
N LYS A 65 -16.14 -26.49 37.91
CA LYS A 65 -16.09 -27.82 38.52
C LYS A 65 -17.31 -28.63 38.10
N LYS A 66 -18.34 -27.95 37.62
CA LYS A 66 -19.54 -28.59 37.10
C LYS A 66 -19.20 -29.10 35.71
N ILE A 67 -18.68 -28.21 34.86
CA ILE A 67 -18.35 -28.56 33.48
C ILE A 67 -17.02 -29.28 33.35
N LEU A 68 -16.18 -29.21 34.37
CA LEU A 68 -14.85 -29.85 34.35
C LEU A 68 -14.39 -30.35 35.71
N PRO A 69 -15.06 -31.36 36.26
CA PRO A 69 -14.76 -31.87 37.60
C PRO A 69 -13.31 -32.30 37.84
N ASN A 70 -12.72 -33.02 36.88
CA ASN A 70 -11.40 -33.63 37.09
C ASN A 70 -10.21 -32.68 37.05
N ALA A 71 -10.40 -31.52 36.41
CA ALA A 71 -9.32 -30.57 36.19
C ALA A 71 -8.53 -30.34 37.47
N VAL A 72 -7.34 -29.75 37.34
CA VAL A 72 -6.60 -29.30 38.50
C VAL A 72 -7.02 -27.85 38.78
N TYR A 73 -7.60 -27.63 39.96
CA TYR A 73 -8.05 -26.33 40.39
C TYR A 73 -7.06 -25.82 41.39
N LEU A 74 -6.46 -24.67 41.07
CA LEU A 74 -5.36 -24.13 41.86
C LEU A 74 -5.69 -22.73 42.35
N PRO A 75 -5.44 -22.47 43.64
CA PRO A 75 -5.72 -21.12 44.07
C PRO A 75 -4.83 -20.16 43.30
N MET A 76 -5.36 -19.00 42.96
CA MET A 76 -4.56 -17.95 42.39
C MET A 76 -3.48 -17.49 43.37
N ARG A 77 -2.23 -17.68 43.00
CA ARG A 77 -1.08 -17.18 43.75
C ARG A 77 -0.58 -15.99 42.99
N LYS A 78 -1.26 -14.87 43.10
CA LYS A 78 -0.98 -13.73 42.23
C LYS A 78 0.44 -13.22 42.36
N GLU A 79 1.00 -13.28 43.57
CA GLU A 79 2.37 -12.85 43.78
C GLU A 79 3.37 -13.69 43.00
N VAL A 80 3.12 -14.99 42.89
CA VAL A 80 3.98 -15.89 42.15
C VAL A 80 3.99 -15.54 40.68
N TYR A 81 2.81 -15.26 40.16
CA TYR A 81 2.62 -14.93 38.77
C TYR A 81 3.25 -13.58 38.48
N GLN A 82 3.17 -12.69 39.46
CA GLN A 82 3.79 -11.37 39.36
C GLN A 82 5.32 -11.45 39.34
N GLN A 83 5.87 -12.35 40.14
CA GLN A 83 7.29 -12.56 40.09
C GLN A 83 7.76 -13.09 38.73
N VAL A 84 7.10 -14.11 38.20
CA VAL A 84 7.43 -14.63 36.90
C VAL A 84 7.27 -13.54 35.86
N SER A 85 6.15 -12.81 35.94
CA SER A 85 5.86 -11.74 35.00
C SER A 85 6.92 -10.67 34.97
N SER A 86 7.37 -10.26 36.15
CA SER A 86 8.36 -9.22 36.27
C SER A 86 9.67 -9.69 35.70
N ARG A 87 9.95 -10.97 35.84
CA ARG A 87 11.17 -11.53 35.28
C ARG A 87 11.09 -11.51 33.77
N ILE A 88 9.91 -11.85 33.26
CA ILE A 88 9.68 -11.80 31.83
C ILE A 88 9.70 -10.39 31.34
N MET A 89 9.07 -9.48 32.06
CA MET A 89 9.03 -8.08 31.64
C MET A 89 10.43 -7.54 31.58
N ASN A 90 11.29 -8.06 32.45
CA ASN A 90 12.70 -7.69 32.45
C ASN A 90 13.45 -8.24 31.27
N LEU A 91 13.15 -9.49 30.91
CA LEU A 91 13.66 -10.09 29.68
C LEU A 91 13.32 -9.17 28.52
N LEU A 92 12.08 -8.72 28.49
CA LEU A 92 11.60 -7.90 27.39
C LEU A 92 12.29 -6.55 27.35
N ARG A 93 12.73 -6.07 28.51
CA ARG A 93 13.49 -4.82 28.59
C ARG A 93 14.84 -4.97 27.93
N GLU A 94 15.33 -6.21 27.88
CA GLU A 94 16.57 -6.49 27.18
C GLU A 94 16.38 -6.56 25.67
N TYR A 95 15.22 -6.14 25.20
CA TYR A 95 14.92 -6.07 23.78
C TYR A 95 14.49 -4.67 23.42
N SER A 96 13.93 -3.97 24.38
CA SER A 96 13.59 -2.57 24.22
C SER A 96 13.31 -1.99 25.59
N GLU A 97 14.08 -0.99 25.97
CA GLU A 97 13.87 -0.30 27.24
C GLU A 97 12.57 0.46 27.10
N LYS A 98 12.20 0.73 25.84
CA LYS A 98 10.93 1.39 25.53
C LYS A 98 9.80 0.36 25.59
N ILE A 99 9.39 0.07 26.81
CA ILE A 99 8.39 -0.97 27.05
C ILE A 99 7.19 -0.39 27.76
N GLU A 100 6.00 -0.84 27.37
CA GLU A 100 4.83 -0.52 28.12
C GLU A 100 4.24 -1.79 28.70
N ILE A 101 4.38 -1.94 30.01
CA ILE A 101 3.78 -3.02 30.70
C ILE A 101 2.30 -2.71 30.87
N ALA A 102 1.46 -3.42 30.13
CA ALA A 102 0.05 -3.10 30.08
C ALA A 102 -0.71 -3.89 31.12
N SER A 103 -0.12 -5.01 31.55
CA SER A 103 -0.78 -5.82 32.53
C SER A 103 0.21 -6.80 33.08
N ILE A 104 -0.27 -7.70 33.92
CA ILE A 104 0.59 -8.70 34.51
C ILE A 104 1.22 -9.57 33.42
N ASP A 105 0.57 -9.64 32.26
CA ASP A 105 1.05 -10.58 31.29
C ASP A 105 1.24 -10.00 29.88
N GLU A 106 1.27 -8.69 29.77
CA GLU A 106 1.47 -8.14 28.45
C GLU A 106 2.24 -6.88 28.47
N ALA A 107 3.10 -6.74 27.46
CA ALA A 107 3.87 -5.54 27.31
C ALA A 107 3.83 -5.15 25.85
N TYR A 108 3.88 -3.87 25.60
CA TYR A 108 4.23 -3.39 24.29
C TYR A 108 5.69 -2.97 24.32
N LEU A 109 6.45 -3.43 23.34
CA LEU A 109 7.78 -2.94 23.10
C LEU A 109 7.76 -2.14 21.81
N ASP A 110 8.16 -0.89 21.90
CA ASP A 110 8.49 -0.12 20.71
C ASP A 110 9.84 -0.63 20.24
N ILE A 111 9.86 -1.25 19.07
CA ILE A 111 11.08 -1.88 18.60
C ILE A 111 11.58 -1.23 17.32
N SER A 112 11.12 0.00 17.07
CA SER A 112 11.51 0.78 15.91
C SER A 112 13.03 0.92 15.75
N ASP A 113 13.75 0.97 16.87
CA ASP A 113 15.19 1.16 16.85
C ASP A 113 15.93 -0.16 16.87
N LYS A 114 15.20 -1.24 17.12
CA LYS A 114 15.79 -2.56 17.22
C LYS A 114 15.66 -3.20 15.86
N VAL A 115 14.66 -2.75 15.11
CA VAL A 115 14.33 -3.37 13.84
C VAL A 115 14.08 -2.33 12.74
N ARG A 116 14.38 -2.70 11.51
CA ARG A 116 14.14 -1.82 10.38
C ARG A 116 12.83 -2.13 9.66
N ASP A 117 12.22 -3.24 10.02
CA ASP A 117 11.06 -3.69 9.26
C ASP A 117 10.31 -4.83 9.95
N TYR A 118 9.13 -5.11 9.42
CA TYR A 118 8.26 -6.09 10.01
C TYR A 118 8.88 -7.48 10.07
N ARG A 119 9.85 -7.72 9.21
CA ARG A 119 10.47 -9.02 9.10
C ARG A 119 11.47 -9.22 10.23
N GLU A 120 12.22 -8.17 10.53
CA GLU A 120 13.12 -8.18 11.65
C GLU A 120 12.34 -8.20 12.95
N ALA A 121 11.25 -7.42 12.97
CA ALA A 121 10.31 -7.42 14.08
C ALA A 121 9.82 -8.85 14.35
N TYR A 122 9.32 -9.49 13.31
CA TYR A 122 8.96 -10.88 13.42
C TYR A 122 10.12 -11.71 13.97
N ASN A 123 11.30 -11.58 13.41
CA ASN A 123 12.43 -12.33 13.90
C ASN A 123 12.74 -12.04 15.36
N LEU A 124 12.60 -10.78 15.75
CA LEU A 124 12.77 -10.37 17.14
C LEU A 124 11.67 -11.00 17.97
N GLY A 125 10.47 -11.02 17.41
CA GLY A 125 9.35 -11.66 18.06
C GLY A 125 9.67 -13.11 18.40
N LEU A 126 10.28 -13.82 17.46
CA LEU A 126 10.63 -15.23 17.66
C LEU A 126 11.70 -15.36 18.71
N GLU A 127 12.63 -14.42 18.67
CA GLU A 127 13.75 -14.35 19.57
C GLU A 127 13.20 -14.10 20.96
N ILE A 128 12.33 -13.12 21.07
CA ILE A 128 11.67 -12.81 22.32
C ILE A 128 10.89 -14.00 22.85
N LYS A 129 10.19 -14.70 21.97
CA LYS A 129 9.44 -15.87 22.36
C LYS A 129 10.37 -16.93 22.92
N ASN A 130 11.45 -17.20 22.20
CA ASN A 130 12.42 -18.20 22.63
C ASN A 130 13.08 -17.86 23.94
N LYS A 131 13.43 -16.59 24.15
CA LYS A 131 14.15 -16.19 25.36
C LYS A 131 13.29 -16.45 26.57
N ILE A 132 12.02 -16.07 26.47
CA ILE A 132 11.07 -16.25 27.54
C ILE A 132 10.83 -17.74 27.75
N LEU A 133 10.83 -18.51 26.67
CA LEU A 133 10.66 -19.94 26.80
C LEU A 133 11.90 -20.55 27.42
N GLU A 134 13.07 -20.06 27.04
CA GLU A 134 14.32 -20.52 27.63
C GLU A 134 14.34 -20.19 29.12
N LYS A 135 14.07 -18.93 29.43
CA LYS A 135 14.33 -18.38 30.74
C LYS A 135 13.25 -18.72 31.74
N GLU A 136 12.00 -18.75 31.26
CA GLU A 136 10.85 -18.93 32.13
C GLU A 136 9.94 -20.06 31.69
N LYS A 137 10.28 -20.73 30.60
CA LYS A 137 9.44 -21.83 30.06
C LYS A 137 7.98 -21.39 29.90
N ILE A 138 7.81 -20.12 29.56
CA ILE A 138 6.52 -19.54 29.34
C ILE A 138 6.39 -19.29 27.85
N THR A 139 5.33 -19.80 27.24
CA THR A 139 5.04 -19.44 25.87
C THR A 139 4.20 -18.17 25.89
N VAL A 140 4.39 -17.37 24.87
CA VAL A 140 3.74 -16.09 24.84
C VAL A 140 3.31 -15.93 23.40
N THR A 141 2.35 -15.04 23.19
CA THR A 141 1.95 -14.67 21.86
C THR A 141 2.47 -13.28 21.58
N VAL A 142 3.02 -13.12 20.38
CA VAL A 142 3.59 -11.87 19.99
C VAL A 142 2.75 -11.30 18.87
N GLY A 143 2.45 -10.01 18.96
CA GLY A 143 1.68 -9.30 17.97
C GLY A 143 2.49 -8.10 17.57
N ILE A 144 2.82 -8.03 16.28
CA ILE A 144 3.61 -6.94 15.77
C ILE A 144 2.77 -6.13 14.81
N SER A 145 2.71 -4.82 15.05
CA SER A 145 2.11 -3.94 14.09
C SER A 145 2.69 -2.54 14.22
N LYS A 146 2.07 -1.59 13.53
CA LYS A 146 2.54 -0.21 13.52
C LYS A 146 2.09 0.54 14.77
N ASN A 147 1.17 -0.04 15.53
CA ASN A 147 0.77 0.58 16.77
C ASN A 147 0.33 -0.45 17.76
N LYS A 148 0.04 0.01 18.97
CA LYS A 148 -0.31 -0.83 20.08
C LYS A 148 -1.56 -1.61 19.79
N VAL A 149 -2.58 -0.90 19.33
CA VAL A 149 -3.89 -1.49 19.06
C VAL A 149 -3.79 -2.67 18.10
N PHE A 150 -3.04 -2.50 17.02
CA PHE A 150 -2.95 -3.55 16.03
C PHE A 150 -1.99 -4.67 16.38
N ALA A 151 -1.03 -4.34 17.24
CA ALA A 151 -0.14 -5.32 17.81
C ALA A 151 -0.94 -6.19 18.76
N LYS A 152 -1.81 -5.57 19.55
CA LYS A 152 -2.72 -6.35 20.37
C LYS A 152 -3.65 -7.21 19.53
N ILE A 153 -4.16 -6.64 18.45
CA ILE A 153 -5.03 -7.38 17.56
C ILE A 153 -4.26 -8.51 16.89
N ALA A 154 -3.03 -8.23 16.47
CA ALA A 154 -2.16 -9.26 15.92
C ALA A 154 -2.06 -10.40 16.89
N ALA A 155 -1.69 -10.10 18.14
CA ALA A 155 -1.60 -11.11 19.21
C ALA A 155 -2.89 -11.88 19.44
N ASP A 156 -4.01 -11.19 19.54
CA ASP A 156 -5.29 -11.87 19.74
C ASP A 156 -5.55 -12.86 18.64
N MET A 157 -5.13 -12.53 17.42
CA MET A 157 -5.30 -13.40 16.29
C MET A 157 -4.36 -14.60 16.26
N ALA A 158 -3.34 -14.57 17.10
CA ALA A 158 -2.27 -15.57 17.03
C ALA A 158 -2.23 -16.42 18.30
N LYS A 159 -2.98 -16.01 19.32
CA LYS A 159 -3.06 -16.72 20.58
C LYS A 159 -3.55 -18.13 20.33
N PRO A 160 -2.94 -19.13 21.00
CA PRO A 160 -1.86 -19.03 21.96
C PRO A 160 -0.50 -19.37 21.35
N ASN A 161 0.59 -19.00 22.02
CA ASN A 161 1.92 -19.37 21.56
C ASN A 161 2.10 -19.02 20.08
N GLY A 162 1.55 -17.89 19.68
CA GLY A 162 1.66 -17.49 18.29
C GLY A 162 2.54 -16.29 18.15
N ILE A 163 2.68 -15.83 16.91
CA ILE A 163 3.40 -14.62 16.62
C ILE A 163 2.80 -14.18 15.32
N LYS A 164 2.44 -12.92 15.22
CA LYS A 164 1.70 -12.47 14.05
C LYS A 164 2.07 -11.05 13.78
N VAL A 165 2.48 -10.78 12.55
CA VAL A 165 2.72 -9.42 12.12
C VAL A 165 1.47 -8.95 11.41
N ILE A 166 0.97 -7.78 11.79
CA ILE A 166 -0.01 -7.08 10.98
C ILE A 166 0.72 -5.91 10.35
N ASP A 167 1.15 -6.10 9.10
CA ASP A 167 1.92 -5.06 8.42
C ASP A 167 0.98 -3.95 8.00
N ASP A 168 1.55 -2.85 7.52
CA ASP A 168 0.79 -1.65 7.12
C ASP A 168 -0.38 -1.96 6.20
N GLU A 169 -0.20 -2.98 5.36
CA GLU A 169 -1.23 -3.37 4.42
C GLU A 169 -2.38 -4.11 5.08
N GLU A 170 -2.06 -5.05 5.97
CA GLU A 170 -3.12 -5.78 6.68
C GLU A 170 -3.84 -4.83 7.63
N VAL A 171 -3.11 -3.88 8.20
CA VAL A 171 -3.72 -2.83 9.00
C VAL A 171 -4.84 -2.18 8.20
N LYS A 172 -4.54 -1.79 6.96
CA LYS A 172 -5.53 -1.17 6.11
C LYS A 172 -6.64 -2.15 5.74
N ARG A 173 -6.30 -3.42 5.54
CA ARG A 173 -7.32 -4.44 5.30
C ARG A 173 -8.23 -4.61 6.50
N LEU A 174 -7.65 -4.62 7.69
CA LEU A 174 -8.40 -4.85 8.91
C LEU A 174 -9.29 -3.68 9.28
N ILE A 175 -8.83 -2.47 8.99
CA ILE A 175 -9.68 -1.30 9.14
C ILE A 175 -10.98 -1.49 8.34
N ARG A 176 -10.89 -2.21 7.23
CA ARG A 176 -12.02 -2.44 6.34
C ARG A 176 -12.75 -3.76 6.62
N GLU A 177 -12.03 -4.77 7.10
CA GLU A 177 -12.58 -6.12 7.20
C GLU A 177 -12.78 -6.64 8.62
N LEU A 178 -12.01 -6.11 9.58
CA LEU A 178 -12.10 -6.58 10.95
C LEU A 178 -13.36 -6.08 11.64
N ASP A 179 -14.10 -7.01 12.22
CA ASP A 179 -15.25 -6.66 13.03
C ASP A 179 -14.78 -5.68 14.09
N ILE A 180 -15.44 -4.53 14.15
CA ILE A 180 -15.00 -3.46 15.05
C ILE A 180 -15.09 -3.90 16.51
N ALA A 181 -15.94 -4.89 16.77
CA ALA A 181 -15.98 -5.52 18.08
C ALA A 181 -14.63 -6.13 18.42
N ASP A 182 -13.82 -6.47 17.43
CA ASP A 182 -12.55 -7.12 17.73
C ASP A 182 -11.46 -6.12 18.08
N VAL A 183 -11.83 -4.84 18.00
CA VAL A 183 -10.93 -3.76 18.33
C VAL A 183 -10.89 -3.64 19.83
N PRO A 184 -9.67 -3.64 20.40
CA PRO A 184 -9.42 -3.46 21.82
C PRO A 184 -10.11 -2.21 22.30
N GLY A 185 -10.84 -2.32 23.40
CA GLY A 185 -11.55 -1.17 23.93
C GLY A 185 -13.00 -1.20 23.50
N ILE A 186 -13.31 -2.10 22.57
CA ILE A 186 -14.69 -2.26 22.16
C ILE A 186 -15.23 -3.54 22.77
N GLY A 187 -15.95 -3.40 23.87
CA GLY A 187 -16.58 -4.54 24.51
C GLY A 187 -17.96 -4.77 23.94
N ASN A 188 -18.77 -5.55 24.64
CA ASN A 188 -20.10 -5.88 24.18
C ASN A 188 -20.99 -4.64 24.11
N ILE A 189 -20.87 -3.77 25.09
CA ILE A 189 -21.72 -2.57 25.13
C ILE A 189 -21.45 -1.67 23.93
N THR A 190 -20.18 -1.36 23.70
CA THR A 190 -19.79 -0.52 22.58
C THR A 190 -20.05 -1.19 21.24
N ALA A 191 -19.77 -2.49 21.17
CA ALA A 191 -20.02 -3.23 19.94
C ALA A 191 -21.50 -3.13 19.58
N GLU A 192 -22.36 -3.31 20.56
CA GLU A 192 -23.79 -3.36 20.32
C GLU A 192 -24.41 -1.97 20.15
N LYS A 193 -23.60 -0.93 20.39
CA LYS A 193 -24.01 0.44 20.11
C LYS A 193 -23.52 0.80 18.71
N LEU A 194 -22.39 0.24 18.33
CA LEU A 194 -21.86 0.43 16.98
C LEU A 194 -22.70 -0.32 15.94
N LYS A 195 -23.21 -1.49 16.30
CA LYS A 195 -24.16 -2.21 15.44
C LYS A 195 -25.33 -1.29 15.14
N LYS A 196 -26.02 -0.85 16.19
CA LYS A 196 -27.13 0.10 16.07
C LYS A 196 -26.83 1.17 15.03
N LEU A 197 -25.65 1.78 15.14
CA LEU A 197 -25.23 2.81 14.21
C LEU A 197 -24.89 2.25 12.83
N GLY A 198 -24.91 0.93 12.68
CA GLY A 198 -24.50 0.29 11.43
C GLY A 198 -23.00 0.33 11.23
N ILE A 199 -22.27 0.55 12.32
CA ILE A 199 -20.81 0.56 12.30
C ILE A 199 -20.29 -0.82 12.70
N ASN A 200 -19.79 -1.57 11.72
CA ASN A 200 -19.36 -2.94 11.95
C ASN A 200 -17.86 -3.07 11.80
N LYS A 201 -17.26 -2.04 11.23
CA LYS A 201 -15.86 -2.07 10.84
C LYS A 201 -15.26 -0.73 11.19
N LEU A 202 -13.96 -0.69 11.44
CA LEU A 202 -13.30 0.57 11.74
C LEU A 202 -13.59 1.59 10.67
N VAL A 203 -13.64 1.13 9.42
CA VAL A 203 -13.80 2.02 8.28
C VAL A 203 -15.12 2.76 8.36
N ASP A 204 -16.14 2.12 8.91
CA ASP A 204 -17.47 2.71 9.05
C ASP A 204 -17.53 3.90 10.00
N THR A 205 -16.46 4.13 10.74
CA THR A 205 -16.44 5.23 11.69
C THR A 205 -16.06 6.51 10.98
N LEU A 206 -15.55 6.36 9.76
CA LEU A 206 -15.24 7.50 8.92
C LEU A 206 -16.47 7.92 8.14
N SER A 207 -17.40 6.99 7.95
CA SER A 207 -18.62 7.25 7.17
C SER A 207 -19.71 7.85 8.07
N ILE A 208 -19.32 8.23 9.28
CA ILE A 208 -20.26 8.81 10.22
C ILE A 208 -19.71 10.11 10.82
N GLU A 209 -20.58 11.10 10.99
CA GLU A 209 -20.20 12.35 11.63
C GLU A 209 -19.69 12.07 13.04
N PHE A 210 -18.77 12.90 13.50
CA PHE A 210 -18.18 12.68 14.81
C PHE A 210 -19.23 12.65 15.93
N ASP A 211 -20.03 13.71 16.03
CA ASP A 211 -20.98 13.87 17.13
C ASP A 211 -22.01 12.75 17.24
N LYS A 212 -22.42 12.21 16.09
CA LYS A 212 -23.38 11.12 16.06
C LYS A 212 -22.74 9.83 16.57
N LEU A 213 -21.46 9.66 16.23
CA LEU A 213 -20.66 8.55 16.74
C LEU A 213 -20.32 8.78 18.21
N LYS A 214 -19.76 9.94 18.50
CA LYS A 214 -19.53 10.43 19.87
C LYS A 214 -20.78 10.27 20.74
N GLY A 215 -21.91 10.75 20.23
CA GLY A 215 -23.16 10.67 20.97
C GLY A 215 -23.67 9.27 21.25
N MET A 216 -22.88 8.27 20.87
CA MET A 216 -23.28 6.88 21.09
C MET A 216 -22.25 6.19 21.97
N ILE A 217 -20.99 6.32 21.60
CA ILE A 217 -19.92 5.57 22.23
C ILE A 217 -19.00 6.47 23.05
N GLY A 218 -19.26 7.77 22.99
CA GLY A 218 -18.48 8.74 23.76
C GLY A 218 -17.40 9.40 22.94
N GLU A 219 -16.92 10.55 23.41
CA GLU A 219 -15.94 11.32 22.66
C GLU A 219 -14.63 10.58 22.50
N ALA A 220 -14.15 9.99 23.59
CA ALA A 220 -12.85 9.32 23.62
C ALA A 220 -12.82 8.12 22.71
N LYS A 221 -13.87 7.31 22.77
CA LYS A 221 -13.94 6.07 22.01
C LYS A 221 -14.12 6.38 20.53
N ALA A 222 -15.04 7.28 20.23
CA ALA A 222 -15.21 7.79 18.90
C ALA A 222 -13.87 8.23 18.31
N LYS A 223 -13.17 9.12 19.01
CA LYS A 223 -11.88 9.60 18.51
C LYS A 223 -10.94 8.42 18.27
N TYR A 224 -10.78 7.60 19.30
CA TYR A 224 -10.04 6.34 19.23
C TYR A 224 -10.30 5.57 17.94
N LEU A 225 -11.56 5.19 17.75
CA LEU A 225 -11.97 4.43 16.56
C LEU A 225 -11.62 5.15 15.28
N ILE A 226 -12.00 6.42 15.18
CA ILE A 226 -11.74 7.21 13.98
C ILE A 226 -10.25 7.29 13.71
N SER A 227 -9.46 7.52 14.76
CA SER A 227 -8.01 7.55 14.65
C SER A 227 -7.45 6.21 14.19
N LEU A 228 -8.07 5.12 14.63
CA LEU A 228 -7.66 3.79 14.19
C LEU A 228 -8.00 3.60 12.73
N ALA A 229 -9.23 3.95 12.36
CA ALA A 229 -9.72 3.83 11.01
C ALA A 229 -8.89 4.68 10.05
N ARG A 230 -8.38 5.79 10.54
CA ARG A 230 -7.56 6.69 9.74
C ARG A 230 -6.12 6.23 9.61
N ASP A 231 -5.79 5.10 10.24
CA ASP A 231 -4.41 4.62 10.32
C ASP A 231 -3.50 5.74 10.84
N GLU A 232 -4.06 6.56 11.72
CA GLU A 232 -3.34 7.66 12.34
C GLU A 232 -2.92 7.31 13.76
N TYR A 233 -3.63 6.35 14.37
CA TYR A 233 -3.40 6.01 15.75
C TYR A 233 -1.92 5.78 15.95
N ASN A 234 -1.35 6.52 16.89
CA ASN A 234 0.08 6.51 17.09
C ASN A 234 0.40 6.73 18.56
N GLU A 235 -0.45 6.20 19.44
CA GLU A 235 -0.21 6.31 20.87
C GLU A 235 1.12 5.68 21.22
N PRO A 236 1.97 6.43 21.91
CA PRO A 236 3.31 5.91 22.13
C PRO A 236 3.33 4.84 23.21
N ILE A 237 4.33 3.97 23.12
CA ILE A 237 4.61 3.02 24.16
C ILE A 237 5.18 3.82 25.31
N ARG A 238 4.34 4.09 26.30
CA ARG A 238 4.80 4.80 27.48
C ARG A 238 4.81 3.91 28.70
N THR A 239 5.87 4.05 29.49
CA THR A 239 5.97 3.38 30.77
C THR A 239 4.75 3.71 31.60
N ARG A 240 4.08 2.67 32.08
CA ARG A 240 2.84 2.87 32.81
C ARG A 240 3.08 3.21 34.27
N VAL A 241 2.18 4.04 34.79
CA VAL A 241 2.24 4.50 36.15
C VAL A 241 0.92 4.05 36.72
N ARG A 242 0.98 3.15 37.69
CA ARG A 242 -0.21 2.70 38.37
C ARG A 242 -0.92 3.96 38.83
N LYS A 243 -2.19 4.09 38.47
CA LYS A 243 -2.94 5.28 38.84
C LYS A 243 -3.74 5.04 40.11
N SER A 244 -4.02 3.78 40.36
CA SER A 244 -4.82 3.38 41.50
C SER A 244 -4.36 2.01 41.96
N ILE A 245 -4.40 1.84 43.28
CA ILE A 245 -4.11 0.58 43.92
C ILE A 245 -5.30 0.34 44.81
N GLY A 246 -5.85 -0.86 44.76
CA GLY A 246 -6.96 -1.17 45.60
C GLY A 246 -6.99 -2.65 45.89
N ARG A 247 -7.85 -3.01 46.82
CA ARG A 247 -7.97 -4.35 47.27
C ARG A 247 -9.43 -4.51 47.63
N ILE A 248 -10.03 -5.57 47.17
CA ILE A 248 -11.42 -5.81 47.47
C ILE A 248 -11.56 -7.28 47.82
N VAL A 249 -12.36 -7.55 48.83
CA VAL A 249 -12.55 -8.90 49.29
C VAL A 249 -14.02 -9.29 49.33
N THR A 250 -14.28 -10.57 49.08
CA THR A 250 -15.60 -11.06 49.32
C THR A 250 -15.69 -11.33 50.81
N MET A 251 -16.85 -11.03 51.39
CA MET A 251 -17.09 -11.43 52.75
C MET A 251 -17.66 -12.85 52.81
N LYS A 252 -17.34 -13.54 53.90
CA LYS A 252 -17.76 -14.90 54.19
C LYS A 252 -19.26 -15.01 53.96
N ARG A 253 -19.95 -13.90 54.21
CA ARG A 253 -21.37 -13.80 53.99
C ARG A 253 -21.75 -12.34 53.91
N ASN A 254 -22.88 -12.04 53.29
CA ASN A 254 -23.27 -10.65 53.09
C ASN A 254 -23.61 -10.00 54.40
N SER A 255 -23.35 -8.71 54.50
CA SER A 255 -23.63 -8.00 55.71
C SER A 255 -24.00 -6.54 55.45
N ARG A 256 -24.90 -6.00 56.27
CA ARG A 256 -25.14 -4.58 56.29
C ARG A 256 -24.60 -4.05 57.62
N ASN A 257 -23.85 -4.91 58.30
CA ASN A 257 -23.34 -4.58 59.63
C ASN A 257 -21.89 -4.17 59.63
N LEU A 258 -21.68 -2.87 59.80
CA LEU A 258 -20.37 -2.24 59.86
C LEU A 258 -19.32 -3.06 60.59
N GLU A 259 -19.68 -3.58 61.76
CA GLU A 259 -18.71 -4.26 62.63
C GLU A 259 -18.25 -5.59 62.03
N GLU A 260 -19.13 -6.21 61.26
CA GLU A 260 -18.84 -7.47 60.58
C GLU A 260 -18.06 -7.21 59.30
N ILE A 261 -18.36 -6.07 58.67
CA ILE A 261 -17.71 -5.64 57.44
C ILE A 261 -16.32 -5.06 57.64
N LYS A 262 -16.13 -4.30 58.71
CA LYS A 262 -14.87 -3.58 58.94
C LYS A 262 -13.60 -4.42 58.78
N PRO A 263 -13.54 -5.60 59.43
CA PRO A 263 -12.33 -6.42 59.34
C PRO A 263 -11.90 -6.62 57.90
N TYR A 264 -12.87 -6.84 57.02
CA TYR A 264 -12.60 -7.04 55.60
C TYR A 264 -12.05 -5.76 54.99
N LEU A 265 -12.73 -4.65 55.28
CA LEU A 265 -12.33 -3.35 54.80
C LEU A 265 -10.92 -3.00 55.26
N PHE A 266 -10.63 -3.24 56.52
CA PHE A 266 -9.32 -2.85 57.07
C PHE A 266 -8.22 -3.72 56.50
N ARG A 267 -8.56 -4.96 56.22
CA ARG A 267 -7.63 -5.87 55.57
C ARG A 267 -7.34 -5.34 54.17
N ALA A 268 -8.40 -4.89 53.50
CA ALA A 268 -8.28 -4.31 52.18
C ALA A 268 -7.44 -3.05 52.23
N ILE A 269 -7.62 -2.26 53.29
CA ILE A 269 -6.78 -1.09 53.50
C ILE A 269 -5.34 -1.50 53.77
N GLU A 270 -5.16 -2.42 54.70
CA GLU A 270 -3.83 -2.87 55.06
C GLU A 270 -3.09 -3.36 53.83
N GLU A 271 -3.77 -4.17 53.03
CA GLU A 271 -3.18 -4.72 51.84
C GLU A 271 -3.01 -3.66 50.76
N SER A 272 -4.03 -2.85 50.52
CA SER A 272 -3.89 -1.75 49.55
C SER A 272 -2.71 -0.87 49.95
N TYR A 273 -2.67 -0.51 51.22
CA TYR A 273 -1.68 0.44 51.66
C TYR A 273 -0.28 -0.15 51.55
N TYR A 274 -0.18 -1.44 51.88
CA TYR A 274 1.06 -2.16 51.71
C TYR A 274 1.49 -2.15 50.26
N LYS A 275 0.55 -2.38 49.36
CA LYS A 275 0.83 -2.44 47.94
C LYS A 275 1.02 -1.06 47.29
N LEU A 276 0.72 0.00 48.02
CA LEU A 276 1.02 1.37 47.59
C LEU A 276 2.52 1.59 47.54
N ASP A 277 3.19 1.06 48.55
CA ASP A 277 4.63 1.11 48.64
C ASP A 277 5.17 2.48 48.29
N LYS A 278 5.26 3.36 49.28
CA LYS A 278 5.91 4.63 49.04
C LYS A 278 4.95 5.65 48.43
N ARG A 279 4.05 5.20 47.57
CA ARG A 279 3.07 6.06 46.91
C ARG A 279 2.06 6.57 47.92
N ILE A 280 1.84 7.89 47.92
CA ILE A 280 0.85 8.49 48.81
C ILE A 280 -0.39 8.82 48.00
N PRO A 281 -1.54 8.22 48.36
CA PRO A 281 -2.78 8.55 47.67
C PRO A 281 -3.46 9.80 48.23
N LYS A 282 -4.08 10.58 47.36
CA LYS A 282 -4.92 11.69 47.81
C LYS A 282 -6.37 11.28 47.80
N ALA A 283 -6.67 10.19 47.10
CA ALA A 283 -8.04 9.76 46.98
C ALA A 283 -8.20 8.37 47.55
N ILE A 284 -9.32 8.16 48.22
CA ILE A 284 -9.65 6.86 48.72
C ILE A 284 -11.09 6.63 48.39
N HIS A 285 -11.38 5.43 47.91
CA HIS A 285 -12.74 5.05 47.61
C HIS A 285 -13.00 3.77 48.32
N VAL A 286 -14.09 3.70 49.05
CA VAL A 286 -14.53 2.41 49.49
C VAL A 286 -15.47 1.90 48.43
N VAL A 287 -15.16 0.73 47.92
CA VAL A 287 -15.96 0.08 46.90
C VAL A 287 -16.69 -1.06 47.59
N ALA A 288 -18.01 -1.10 47.44
CA ALA A 288 -18.79 -2.21 47.94
C ALA A 288 -19.48 -2.86 46.78
N VAL A 289 -19.35 -4.18 46.67
CA VAL A 289 -20.20 -4.94 45.79
C VAL A 289 -21.34 -5.40 46.67
N THR A 290 -22.56 -5.18 46.20
CA THR A 290 -23.75 -5.50 46.96
C THR A 290 -24.17 -6.95 46.73
N GLU A 291 -25.29 -7.33 47.35
CA GLU A 291 -25.80 -8.67 47.21
C GLU A 291 -25.99 -9.06 45.75
N ASP A 292 -26.55 -8.14 44.97
CA ASP A 292 -26.94 -8.42 43.60
C ASP A 292 -25.79 -8.07 42.67
N LEU A 293 -24.62 -7.95 43.29
CA LEU A 293 -23.38 -7.74 42.58
C LEU A 293 -23.30 -6.38 41.87
N ASP A 294 -24.20 -5.47 42.22
CA ASP A 294 -24.00 -4.07 41.84
C ASP A 294 -22.76 -3.57 42.58
N ILE A 295 -21.96 -2.77 41.91
CA ILE A 295 -20.80 -2.20 42.53
C ILE A 295 -21.14 -0.77 42.92
N VAL A 296 -20.97 -0.49 44.20
CA VAL A 296 -21.28 0.81 44.78
C VAL A 296 -19.98 1.34 45.39
N SER A 297 -19.73 2.63 45.26
CA SER A 297 -18.52 3.18 45.84
C SER A 297 -18.75 4.58 46.36
N ARG A 298 -18.12 4.86 47.50
CA ARG A 298 -18.11 6.19 48.04
C ARG A 298 -16.66 6.56 48.19
N GLY A 299 -16.28 7.70 47.66
CA GLY A 299 -14.89 8.10 47.74
C GLY A 299 -14.66 9.49 48.26
N ARG A 300 -13.40 9.79 48.54
CA ARG A 300 -13.01 11.13 48.96
C ARG A 300 -11.61 11.42 48.47
N THR A 301 -11.41 12.63 47.97
CA THR A 301 -10.11 13.09 47.58
C THR A 301 -9.74 14.21 48.52
N PHE A 302 -8.74 13.94 49.37
CA PHE A 302 -8.21 14.95 50.26
C PHE A 302 -7.30 15.84 49.45
N PRO A 303 -7.06 17.07 49.92
CA PRO A 303 -6.04 17.81 49.19
C PRO A 303 -4.82 16.91 49.24
N HIS A 304 -4.10 16.97 50.35
N HIS A 304 -4.12 16.99 50.37
CA HIS A 304 -2.89 16.20 50.52
CA HIS A 304 -2.94 16.19 50.68
C HIS A 304 -3.12 14.69 50.61
C HIS A 304 -3.12 14.68 50.56
N GLY A 305 -2.02 13.95 50.73
CA GLY A 305 -2.06 12.50 50.72
C GLY A 305 -2.73 11.90 51.92
N ILE A 306 -3.20 10.66 51.77
CA ILE A 306 -3.92 9.97 52.83
C ILE A 306 -2.98 9.04 53.55
N SER A 307 -2.96 9.12 54.87
CA SER A 307 -2.14 8.23 55.67
C SER A 307 -2.96 6.98 55.95
N LYS A 308 -2.30 5.90 56.36
CA LYS A 308 -3.00 4.66 56.62
C LYS A 308 -4.05 4.88 57.69
N GLU A 309 -3.70 5.67 58.70
CA GLU A 309 -4.64 6.08 59.74
C GLU A 309 -5.84 6.81 59.16
N THR A 310 -5.61 7.83 58.34
CA THR A 310 -6.70 8.52 57.69
C THR A 310 -7.48 7.58 56.76
N ALA A 311 -6.79 6.62 56.15
CA ALA A 311 -7.45 5.62 55.32
C ALA A 311 -8.41 4.78 56.16
N TYR A 312 -7.93 4.31 57.32
CA TYR A 312 -8.79 3.55 58.21
C TYR A 312 -10.05 4.33 58.57
N SER A 313 -9.87 5.56 59.03
CA SER A 313 -10.98 6.42 59.46
C SER A 313 -11.89 6.83 58.31
N GLU A 314 -11.31 7.30 57.22
CA GLU A 314 -12.12 7.72 56.08
C GLU A 314 -12.88 6.56 55.45
N SER A 315 -12.25 5.39 55.40
CA SER A 315 -12.86 4.24 54.77
C SER A 315 -14.10 3.86 55.51
N VAL A 316 -13.98 3.81 56.84
CA VAL A 316 -15.14 3.53 57.69
C VAL A 316 -16.28 4.54 57.50
N LYS A 317 -15.93 5.81 57.37
CA LYS A 317 -16.93 6.82 57.06
C LYS A 317 -17.57 6.54 55.71
N LEU A 318 -16.75 6.23 54.72
CA LEU A 318 -17.24 6.01 53.38
C LEU A 318 -18.10 4.76 53.35
N LEU A 319 -17.67 3.74 54.09
CA LEU A 319 -18.44 2.53 54.27
C LEU A 319 -19.74 2.86 55.00
N GLN A 320 -19.64 3.70 56.03
CA GLN A 320 -20.82 4.23 56.71
C GLN A 320 -21.78 4.81 55.70
N LYS A 321 -21.25 5.65 54.80
CA LYS A 321 -22.05 6.37 53.81
C LYS A 321 -22.65 5.45 52.76
N ILE A 322 -21.96 4.34 52.49
CA ILE A 322 -22.46 3.35 51.55
C ILE A 322 -23.65 2.65 52.18
N LEU A 323 -23.43 2.17 53.41
CA LEU A 323 -24.43 1.44 54.16
C LEU A 323 -25.66 2.32 54.32
N GLU A 324 -25.43 3.63 54.38
CA GLU A 324 -26.48 4.62 54.60
C GLU A 324 -27.27 4.98 53.34
N GLU A 325 -26.58 5.14 52.22
CA GLU A 325 -27.22 5.62 50.99
C GLU A 325 -27.63 4.48 50.06
N ASP A 326 -27.45 3.26 50.52
CA ASP A 326 -27.82 2.08 49.74
C ASP A 326 -28.33 1.01 50.71
N GLU A 327 -29.53 0.51 50.44
CA GLU A 327 -30.20 -0.37 51.39
C GLU A 327 -29.67 -1.80 51.32
N ARG A 328 -28.93 -2.12 50.27
CA ARG A 328 -28.51 -3.50 50.02
C ARG A 328 -27.47 -4.03 51.00
N LYS A 329 -27.43 -5.35 51.15
CA LYS A 329 -26.35 -5.98 51.89
C LYS A 329 -25.09 -5.93 51.04
N ILE A 330 -23.94 -5.94 51.71
CA ILE A 330 -22.68 -5.83 51.03
C ILE A 330 -22.08 -7.21 51.00
N ARG A 331 -21.57 -7.59 49.83
CA ARG A 331 -21.06 -8.92 49.62
C ARG A 331 -19.55 -8.85 49.52
N ARG A 332 -19.07 -7.82 48.85
CA ARG A 332 -17.64 -7.60 48.77
C ARG A 332 -17.37 -6.17 49.18
N ILE A 333 -16.31 -5.97 49.92
CA ILE A 333 -15.98 -4.66 50.36
C ILE A 333 -14.55 -4.46 49.98
N GLY A 334 -14.24 -3.27 49.46
CA GLY A 334 -12.90 -3.01 49.10
C GLY A 334 -12.58 -1.56 49.27
N VAL A 335 -11.33 -1.24 48.97
CA VAL A 335 -10.85 0.10 49.03
C VAL A 335 -9.99 0.31 47.80
N ARG A 336 -9.91 1.54 47.37
CA ARG A 336 -9.12 1.86 46.22
C ARG A 336 -8.52 3.21 46.49
N PHE A 337 -7.22 3.27 46.34
CA PHE A 337 -6.49 4.49 46.52
C PHE A 337 -6.06 4.95 45.17
N SER A 338 -5.89 6.26 45.04
CA SER A 338 -5.55 6.84 43.76
C SER A 338 -5.09 8.25 44.00
N LYS A 339 -4.77 8.95 42.92
CA LYS A 339 -4.28 10.32 42.98
C LYS A 339 -3.06 10.34 43.84
N PHE A 340 -2.05 9.60 43.38
CA PHE A 340 -0.81 9.46 44.10
C PHE A 340 -0.03 10.72 43.92
N ILE A 341 0.63 11.16 44.97
CA ILE A 341 1.41 12.38 44.93
C ILE A 341 2.61 12.22 44.00
P 2DA B 13 -7.38 -8.34 27.44
P 2DA B 13 -6.92 -7.94 27.41
OP1 2DA B 13 -6.25 -8.37 26.48
OP1 2DA B 13 -5.87 -6.96 26.96
OP2 2DA B 13 -8.39 -9.44 27.40
OP2 2DA B 13 -6.80 -9.34 26.86
O5' 2DA B 13 -6.79 -8.21 28.95
O5' 2DA B 13 -6.80 -7.98 28.99
C5' 2DA B 13 -5.73 -7.27 29.25
C5' 2DA B 13 -6.05 -6.90 29.54
C4' 2DA B 13 -5.08 -7.62 30.59
C4' 2DA B 13 -5.13 -7.33 30.67
O4' 2DA B 13 -5.81 -7.05 31.72
O4' 2DA B 13 -5.70 -6.87 31.93
C3' 2DA B 13 -4.98 -9.10 30.91
C3' 2DA B 13 -4.93 -8.83 30.81
C2' 2DA B 13 -4.78 -9.09 32.42
C2' 2DA B 13 -4.90 -9.07 32.31
C1' 2DA B 13 -5.57 -7.87 32.87
C1' 2DA B 13 -5.78 -7.93 32.85
N9 2DA B 13 -6.83 -8.23 33.53
N9 2DA B 13 -7.18 -8.28 33.05
C8 2DA B 13 -7.02 -8.33 34.88
C8 2DA B 13 -8.18 -8.30 32.12
N7 2DA B 13 -8.24 -8.68 35.22
N7 2DA B 13 -9.35 -8.66 32.61
C5 2DA B 13 -8.88 -8.85 34.01
C5 2DA B 13 -9.09 -8.88 33.94
C6 2DA B 13 -10.20 -9.22 33.71
C6 2DA B 13 -9.92 -9.27 35.00
N6 2DA B 13 -11.08 -9.50 34.68
N6 2DA B 13 -11.22 -9.53 34.86
N1 2DA B 13 -10.55 -9.30 32.41
N1 2DA B 13 -9.35 -9.42 36.22
C2 2DA B 13 -9.61 -9.01 31.50
C2 2DA B 13 -8.04 -9.17 36.37
N3 2DA B 13 -8.33 -8.64 31.67
N3 2DA B 13 -7.16 -8.79 35.44
C4 2DA B 13 -8.03 -8.58 32.96
C4 2DA B 13 -7.76 -8.66 34.24
P 8OG C 6 -12.39 -11.85 45.96
P 8OG C 6 -12.36 -11.88 46.02
OP1 8OG C 6 -11.61 -12.43 47.13
OP1 8OG C 6 -11.67 -12.56 47.18
OP2 8OG C 6 -13.66 -11.06 46.14
OP2 8OG C 6 -13.57 -11.01 46.25
O5' 8OG C 6 -11.31 -10.92 45.19
O5' 8OG C 6 -11.27 -10.97 45.26
C5' 8OG C 6 -9.97 -11.34 44.94
C5' 8OG C 6 -9.89 -11.32 45.09
C4' 8OG C 6 -9.48 -10.44 43.83
C4' 8OG C 6 -9.43 -10.52 43.89
O4' 8OG C 6 -9.82 -10.70 42.46
O4' 8OG C 6 -9.70 -10.98 42.55
C3' 8OG C 6 -9.16 -9.18 44.00
C3' 8OG C 6 -9.15 -9.25 43.95
O3' 8OG C 6 -7.99 -8.90 44.18
O3' 8OG C 6 -7.99 -8.91 44.16
C2' 8OG C 6 -10.03 -8.34 43.10
C2' 8OG C 6 -9.98 -8.55 42.91
C1' 8OG C 6 -10.39 -9.42 42.13
C1' 8OG C 6 -10.17 -9.73 41.98
N9 8OG C 6 -11.24 -9.30 41.07
N9 8OG C 6 -10.60 -9.65 40.69
C8 8OG C 6 -12.56 -9.12 41.10
C8 8OG C 6 -9.79 -9.88 39.67
N7 8OG C 6 -13.10 -9.07 39.87
N7 8OG C 6 -10.40 -9.78 38.48
C5 8OG C 6 -12.05 -9.26 39.05
C5 8OG C 6 -11.69 -9.47 38.79
C6 8OG C 6 -11.89 -9.32 37.59
C6 8OG C 6 -12.90 -9.21 37.99
O6 8OG C 6 -12.88 -9.19 36.85
O6 8OG C 6 -12.89 -9.25 36.74
N1 8OG C 6 -10.63 -9.51 37.13
N1 8OG C 6 -14.04 -8.94 38.65
C2 8OG C 6 -9.55 -9.66 37.92
C2 8OG C 6 -14.11 -8.88 39.99
N2 8OG C 6 -8.34 -9.84 37.33
N2 8OG C 6 -15.30 -8.59 40.54
N3 8OG C 6 -9.63 -9.61 39.26
N3 8OG C 6 -13.04 -9.11 40.78
C4 8OG C 6 -10.81 -9.42 39.84
C4 8OG C 6 -11.84 -9.40 40.26
O8 8OG C 6 -13.26 -8.97 42.18
O8 8OG C 6 -8.54 -10.16 39.80
N GLY D 1 6.66 20.22 -55.64
CA GLY D 1 7.03 19.80 -54.25
C GLY D 1 7.10 18.30 -54.09
N ILE D 2 8.25 17.80 -53.62
CA ILE D 2 8.43 16.37 -53.41
C ILE D 2 8.95 16.06 -52.01
N VAL D 3 8.31 15.10 -51.33
CA VAL D 3 8.76 14.70 -50.02
C VAL D 3 9.26 13.26 -50.06
N LEU D 4 10.53 13.07 -49.72
CA LEU D 4 11.12 11.76 -49.64
C LEU D 4 11.22 11.31 -48.17
N PHE D 5 10.37 10.37 -47.80
CA PHE D 5 10.30 9.92 -46.44
C PHE D 5 10.96 8.56 -46.32
N VAL D 6 11.87 8.44 -45.36
CA VAL D 6 12.63 7.22 -45.14
C VAL D 6 12.22 6.53 -43.85
N ASP D 7 11.83 5.27 -43.96
CA ASP D 7 11.40 4.51 -42.81
C ASP D 7 12.27 3.29 -42.69
N PHE D 8 13.02 3.18 -41.60
CA PHE D 8 13.89 2.03 -41.39
C PHE D 8 13.07 0.79 -41.14
N ASP D 9 13.41 -0.31 -41.80
CA ASP D 9 12.61 -1.53 -41.71
C ASP D 9 12.81 -2.24 -40.40
N TYR D 10 11.71 -2.71 -39.81
CA TYR D 10 11.74 -3.40 -38.53
C TYR D 10 12.99 -3.02 -37.75
N PHE D 11 13.14 -1.71 -37.57
CA PHE D 11 14.41 -1.13 -37.20
C PHE D 11 15.15 -1.85 -36.07
N TYR D 12 14.55 -1.87 -34.88
CA TYR D 12 15.18 -2.47 -33.71
C TYR D 12 15.62 -3.89 -33.97
N ALA D 13 14.68 -4.71 -34.44
CA ALA D 13 14.94 -6.09 -34.78
C ALA D 13 16.04 -6.19 -35.83
N GLN D 14 16.01 -5.31 -36.82
CA GLN D 14 17.04 -5.36 -37.84
C GLN D 14 18.41 -4.97 -37.33
N VAL D 15 18.49 -3.99 -36.44
CA VAL D 15 19.77 -3.63 -35.87
C VAL D 15 20.31 -4.81 -35.06
N GLU D 16 19.44 -5.47 -34.31
CA GLU D 16 19.82 -6.69 -33.61
C GLU D 16 20.36 -7.73 -34.56
N GLU D 17 19.77 -7.81 -35.75
CA GLU D 17 20.21 -8.74 -36.78
C GLU D 17 21.57 -8.34 -37.34
N VAL D 18 21.80 -7.04 -37.45
CA VAL D 18 23.07 -6.51 -37.94
C VAL D 18 24.15 -6.75 -36.89
N LEU D 19 23.77 -6.56 -35.63
CA LEU D 19 24.69 -6.70 -34.51
C LEU D 19 24.95 -8.17 -34.17
N ASN D 20 24.19 -9.06 -34.79
CA ASN D 20 24.32 -10.49 -34.60
C ASN D 20 23.70 -11.22 -35.78
N PRO D 21 24.46 -11.34 -36.88
CA PRO D 21 23.97 -11.99 -38.11
C PRO D 21 23.59 -13.46 -37.93
N SER D 22 23.99 -14.07 -36.82
CA SER D 22 23.50 -15.41 -36.48
C SER D 22 21.98 -15.38 -36.34
N LEU D 23 21.46 -14.22 -36.00
CA LEU D 23 20.02 -13.96 -35.97
C LEU D 23 19.36 -13.99 -37.35
N LYS D 24 20.16 -13.94 -38.40
CA LYS D 24 19.62 -13.75 -39.73
C LYS D 24 18.81 -14.95 -40.21
N GLY D 25 17.57 -14.69 -40.61
CA GLY D 25 16.71 -15.71 -41.19
C GLY D 25 15.62 -16.21 -40.27
N LYS D 26 15.77 -15.98 -38.98
CA LYS D 26 14.80 -16.45 -38.00
C LYS D 26 14.05 -15.31 -37.32
N PRO D 27 12.98 -15.65 -36.58
CA PRO D 27 12.19 -14.64 -35.89
C PRO D 27 12.98 -13.96 -34.78
N VAL D 28 13.10 -12.65 -34.89
CA VAL D 28 13.71 -11.85 -33.88
C VAL D 28 12.61 -10.97 -33.34
N VAL D 29 12.47 -10.95 -32.03
CA VAL D 29 11.47 -10.13 -31.39
C VAL D 29 12.15 -9.23 -30.36
N VAL D 30 12.19 -7.94 -30.66
CA VAL D 30 12.76 -7.00 -29.71
C VAL D 30 11.68 -6.58 -28.71
N CYS D 31 11.97 -6.82 -27.45
CA CYS D 31 10.97 -6.73 -26.39
C CYS D 31 11.28 -5.64 -25.40
N VAL D 32 10.20 -5.04 -24.89
CA VAL D 32 10.27 -4.20 -23.72
C VAL D 32 9.80 -5.08 -22.60
N PHE D 33 10.75 -5.52 -21.77
CA PHE D 33 10.43 -6.28 -20.60
C PHE D 33 10.12 -5.29 -19.50
N SER D 34 8.89 -5.37 -18.98
CA SER D 34 8.38 -4.33 -18.07
C SER D 34 9.04 -4.38 -16.68
N GLY D 35 9.31 -5.60 -16.20
CA GLY D 35 9.99 -5.79 -14.92
C GLY D 35 9.13 -6.47 -13.87
N ARG D 36 7.83 -6.58 -14.17
CA ARG D 36 6.89 -7.32 -13.31
C ARG D 36 7.19 -8.81 -13.30
N PHE D 37 6.26 -9.59 -13.86
CA PHE D 37 6.46 -11.04 -13.94
C PHE D 37 7.45 -11.42 -15.04
N GLU D 38 7.96 -12.65 -14.96
CA GLU D 38 8.85 -13.19 -16.00
C GLU D 38 8.12 -13.13 -17.35
N ASP D 39 8.82 -12.60 -18.37
CA ASP D 39 8.24 -12.44 -19.70
C ASP D 39 7.19 -11.34 -19.73
N SER D 40 7.25 -10.44 -18.75
CA SER D 40 6.28 -9.35 -18.70
C SER D 40 6.74 -8.22 -19.58
N GLY D 41 5.91 -7.87 -20.55
CA GLY D 41 6.14 -6.72 -21.38
C GLY D 41 5.42 -6.81 -22.71
N ALA D 42 5.88 -6.00 -23.65
CA ALA D 42 5.31 -6.03 -24.96
C ALA D 42 6.42 -6.20 -25.97
N VAL D 43 6.07 -6.73 -27.14
CA VAL D 43 6.96 -6.68 -28.28
C VAL D 43 7.06 -5.25 -28.75
N ALA D 44 8.29 -4.75 -28.85
CA ALA D 44 8.53 -3.41 -29.36
C ALA D 44 8.52 -3.48 -30.88
N THR D 45 9.20 -4.48 -31.41
CA THR D 45 9.16 -4.76 -32.82
C THR D 45 9.68 -6.15 -33.09
N ALA D 46 9.24 -6.72 -34.20
CA ALA D 46 9.72 -8.02 -34.59
C ALA D 46 10.18 -7.98 -36.02
N ASN D 47 11.07 -8.92 -36.33
CA ASN D 47 11.37 -9.35 -37.68
C ASN D 47 10.14 -9.44 -38.52
N TYR D 48 10.32 -9.43 -39.85
CA TYR D 48 9.22 -9.83 -40.71
C TYR D 48 9.10 -11.35 -40.64
N GLU D 49 10.21 -12.02 -40.34
CA GLU D 49 10.18 -13.44 -40.01
C GLU D 49 9.18 -13.71 -38.88
N ALA D 50 9.13 -12.80 -37.91
CA ALA D 50 8.28 -12.96 -36.75
C ALA D 50 6.89 -12.38 -37.01
N ARG D 51 6.85 -11.23 -37.70
CA ARG D 51 5.59 -10.57 -38.01
C ARG D 51 4.68 -11.48 -38.81
N LYS D 52 5.26 -12.16 -39.78
CA LYS D 52 4.57 -13.19 -40.54
C LYS D 52 3.60 -13.96 -39.69
N PHE D 53 3.98 -14.25 -38.46
CA PHE D 53 3.16 -15.10 -37.62
C PHE D 53 2.35 -14.34 -36.58
N GLY D 54 2.21 -13.04 -36.77
CA GLY D 54 1.40 -12.22 -35.88
C GLY D 54 2.21 -11.64 -34.73
N VAL D 55 3.50 -11.91 -34.71
CA VAL D 55 4.33 -11.28 -33.70
C VAL D 55 4.65 -9.89 -34.20
N LYS D 56 3.97 -8.91 -33.62
CA LYS D 56 4.09 -7.53 -34.04
C LYS D 56 4.29 -6.66 -32.80
N ALA D 57 4.72 -5.43 -33.04
CA ALA D 57 4.86 -4.43 -32.00
C ALA D 57 3.61 -4.33 -31.15
N GLY D 58 3.75 -4.49 -29.86
CA GLY D 58 2.64 -4.18 -28.97
C GLY D 58 2.05 -5.39 -28.30
N ILE D 59 2.08 -6.54 -28.95
CA ILE D 59 1.52 -7.70 -28.31
C ILE D 59 2.37 -8.09 -27.10
N PRO D 60 1.72 -8.63 -26.06
CA PRO D 60 2.47 -9.13 -24.92
C PRO D 60 3.55 -10.10 -25.36
N ILE D 61 4.69 -10.07 -24.67
CA ILE D 61 5.74 -11.03 -24.91
C ILE D 61 5.19 -12.44 -24.72
N VAL D 62 4.32 -12.62 -23.73
CA VAL D 62 3.71 -13.91 -23.49
C VAL D 62 2.92 -14.38 -24.71
N GLU D 63 2.10 -13.49 -25.27
CA GLU D 63 1.37 -13.79 -26.49
C GLU D 63 2.32 -14.20 -27.61
N ALA D 64 3.29 -13.35 -27.88
CA ALA D 64 4.30 -13.61 -28.89
C ALA D 64 4.89 -15.00 -28.72
N LYS D 65 5.15 -15.36 -27.46
CA LYS D 65 5.77 -16.64 -27.15
C LYS D 65 4.86 -17.83 -27.36
N LYS D 66 3.55 -17.60 -27.39
CA LYS D 66 2.59 -18.67 -27.72
C LYS D 66 2.62 -18.97 -29.21
N ILE D 67 3.05 -17.99 -29.98
CA ILE D 67 3.05 -18.04 -31.43
C ILE D 67 4.42 -18.51 -31.90
N LEU D 68 5.44 -17.86 -31.36
CA LEU D 68 6.82 -18.23 -31.65
C LEU D 68 7.57 -18.51 -30.35
N PRO D 69 7.34 -19.70 -29.78
CA PRO D 69 8.10 -20.09 -28.58
C PRO D 69 9.60 -19.99 -28.80
N ASN D 70 10.02 -20.18 -30.05
CA ASN D 70 11.45 -20.26 -30.39
C ASN D 70 12.00 -19.07 -31.13
N ALA D 71 11.22 -18.01 -31.25
CA ALA D 71 11.77 -16.77 -31.75
C ALA D 71 12.83 -16.35 -30.76
N VAL D 72 13.78 -15.56 -31.24
CA VAL D 72 14.76 -14.92 -30.37
C VAL D 72 14.15 -13.66 -29.78
N TYR D 73 14.02 -13.63 -28.47
CA TYR D 73 13.44 -12.48 -27.76
C TYR D 73 14.52 -11.64 -27.13
N LEU D 74 14.67 -10.43 -27.66
CA LEU D 74 15.77 -9.57 -27.27
C LEU D 74 15.28 -8.38 -26.47
N PRO D 75 16.03 -8.01 -25.43
CA PRO D 75 15.72 -6.77 -24.76
C PRO D 75 15.99 -5.62 -25.70
N MET D 76 15.15 -4.61 -25.63
CA MET D 76 15.33 -3.42 -26.38
C MET D 76 16.56 -2.62 -25.94
N ARG D 77 17.54 -2.52 -26.82
CA ARG D 77 18.69 -1.67 -26.57
C ARG D 77 18.53 -0.35 -27.31
N LYS D 78 17.65 0.51 -26.82
CA LYS D 78 17.29 1.77 -27.51
C LYS D 78 18.51 2.59 -27.89
N GLU D 79 19.42 2.72 -26.95
CA GLU D 79 20.70 3.41 -27.13
C GLU D 79 21.49 2.94 -28.34
N VAL D 80 21.51 1.62 -28.55
CA VAL D 80 22.18 1.03 -29.71
C VAL D 80 21.45 1.42 -31.00
N TYR D 81 20.12 1.36 -30.97
CA TYR D 81 19.32 1.62 -32.15
C TYR D 81 19.39 3.11 -32.41
N GLN D 82 19.45 3.86 -31.32
CA GLN D 82 19.59 5.31 -31.39
C GLN D 82 20.96 5.67 -31.98
N GLN D 83 21.99 4.93 -31.61
CA GLN D 83 23.30 5.14 -32.21
C GLN D 83 23.17 4.94 -33.72
N VAL D 84 22.62 3.81 -34.12
CA VAL D 84 22.46 3.48 -35.53
C VAL D 84 21.59 4.51 -36.26
N SER D 85 20.52 4.94 -35.59
CA SER D 85 19.58 5.92 -36.12
C SER D 85 20.22 7.29 -36.35
N SER D 86 20.98 7.76 -35.37
CA SER D 86 21.66 9.05 -35.48
C SER D 86 22.63 9.05 -36.66
N ARG D 87 23.30 7.93 -36.87
CA ARG D 87 24.28 7.82 -37.95
C ARG D 87 23.61 7.78 -39.31
N ILE D 88 22.36 7.32 -39.35
CA ILE D 88 21.60 7.33 -40.59
C ILE D 88 20.89 8.67 -40.80
N MET D 89 20.42 9.26 -39.71
CA MET D 89 19.79 10.58 -39.78
C MET D 89 20.82 11.64 -40.19
N ASN D 90 22.08 11.24 -40.24
CA ASN D 90 23.14 12.10 -40.72
C ASN D 90 23.51 11.79 -42.15
N LEU D 91 23.39 10.52 -42.53
CA LEU D 91 23.58 10.12 -43.92
C LEU D 91 22.43 10.68 -44.75
N LEU D 92 21.30 10.91 -44.09
CA LEU D 92 20.12 11.46 -44.76
C LEU D 92 20.17 12.98 -44.92
N ARG D 93 20.98 13.65 -44.13
CA ARG D 93 21.20 15.08 -44.29
C ARG D 93 22.10 15.34 -45.50
N GLU D 94 23.05 14.43 -45.73
CA GLU D 94 23.98 14.54 -46.84
C GLU D 94 23.25 14.74 -48.16
N TYR D 95 22.05 14.20 -48.24
CA TYR D 95 21.24 14.31 -49.46
C TYR D 95 20.41 15.58 -49.49
N SER D 96 19.66 15.83 -48.42
CA SER D 96 18.91 17.08 -48.31
C SER D 96 19.14 17.75 -46.96
N GLU D 97 19.34 19.06 -47.00
CA GLU D 97 19.58 19.86 -45.80
C GLU D 97 18.30 19.97 -44.97
N LYS D 98 17.18 20.19 -45.65
CA LYS D 98 15.88 20.31 -44.99
C LYS D 98 15.30 18.94 -44.62
N ILE D 99 15.76 18.39 -43.50
CA ILE D 99 15.32 17.07 -43.08
C ILE D 99 14.45 17.15 -41.84
N GLU D 100 13.38 16.36 -41.81
CA GLU D 100 12.55 16.24 -40.62
C GLU D 100 12.72 14.85 -40.05
N ILE D 101 13.35 14.79 -38.88
CA ILE D 101 13.46 13.54 -38.14
C ILE D 101 12.15 13.36 -37.38
N ALA D 102 11.37 12.37 -37.80
CA ALA D 102 10.05 12.15 -37.24
C ALA D 102 10.10 11.24 -36.01
N SER D 103 11.09 10.37 -36.00
CA SER D 103 11.23 9.39 -34.93
C SER D 103 12.59 8.73 -35.05
N ILE D 104 12.79 7.67 -34.27
CA ILE D 104 14.06 6.96 -34.25
C ILE D 104 14.41 6.39 -35.62
N ASP D 105 13.40 6.11 -36.43
CA ASP D 105 13.62 5.38 -37.66
C ASP D 105 12.90 5.99 -38.85
N GLU D 106 12.46 7.23 -38.71
CA GLU D 106 11.79 7.93 -39.81
C GLU D 106 12.35 9.32 -40.02
N ALA D 107 12.70 9.62 -41.25
CA ALA D 107 13.07 10.97 -41.63
C ALA D 107 12.26 11.36 -42.84
N TYR D 108 11.83 12.62 -42.85
CA TYR D 108 11.28 13.23 -44.04
C TYR D 108 12.34 14.11 -44.66
N LEU D 109 12.61 13.90 -45.94
CA LEU D 109 13.52 14.78 -46.68
C LEU D 109 12.71 15.64 -47.63
N ASP D 110 12.88 16.95 -47.50
CA ASP D 110 12.30 17.87 -48.45
C ASP D 110 13.12 17.78 -49.73
N ILE D 111 12.48 17.30 -50.79
CA ILE D 111 13.06 17.39 -52.12
C ILE D 111 12.38 18.50 -52.91
N SER D 112 12.92 19.70 -52.81
CA SER D 112 12.43 20.82 -53.62
C SER D 112 13.60 21.40 -54.42
N ASP D 113 14.79 21.29 -53.85
CA ASP D 113 16.02 21.71 -54.51
C ASP D 113 16.84 20.49 -54.93
N LYS D 114 16.15 19.39 -55.22
CA LYS D 114 16.82 18.15 -55.62
C LYS D 114 16.23 17.58 -56.91
N VAL D 115 16.35 18.37 -57.98
CA VAL D 115 15.90 18.01 -59.33
C VAL D 115 14.49 17.42 -59.42
N ARG D 116 13.57 18.22 -59.94
CA ARG D 116 12.14 17.88 -60.01
C ARG D 116 11.86 16.63 -60.86
N ASP D 117 11.15 15.67 -60.25
CA ASP D 117 10.67 14.49 -60.96
C ASP D 117 10.47 13.32 -60.00
N TYR D 118 9.36 12.60 -60.18
CA TYR D 118 9.05 11.43 -59.37
C TYR D 118 9.88 10.22 -59.79
N ARG D 119 10.84 10.44 -60.68
CA ARG D 119 11.75 9.39 -61.12
C ARG D 119 13.17 9.79 -60.74
N GLU D 120 13.38 11.09 -60.55
CA GLU D 120 14.64 11.61 -60.05
C GLU D 120 14.80 11.28 -58.57
N ALA D 121 13.69 11.43 -57.83
CA ALA D 121 13.66 11.13 -56.41
C ALA D 121 13.75 9.63 -56.17
N TYR D 122 13.22 8.85 -57.09
CA TYR D 122 13.25 7.40 -56.98
C TYR D 122 14.68 6.87 -57.02
N ASN D 123 15.47 7.41 -57.94
CA ASN D 123 16.89 7.04 -58.04
C ASN D 123 17.71 7.54 -56.85
N LEU D 124 17.27 8.64 -56.26
CA LEU D 124 17.90 9.19 -55.06
C LEU D 124 17.63 8.26 -53.88
N GLY D 125 16.39 7.79 -53.78
CA GLY D 125 16.00 6.84 -52.74
C GLY D 125 16.70 5.51 -52.89
N LEU D 126 16.80 5.03 -54.12
CA LEU D 126 17.55 3.81 -54.41
C LEU D 126 18.99 4.01 -53.98
N GLU D 127 19.52 5.18 -54.29
CA GLU D 127 20.86 5.56 -53.90
C GLU D 127 20.96 5.60 -52.38
N ILE D 128 19.95 6.18 -51.75
CA ILE D 128 19.87 6.26 -50.29
C ILE D 128 19.81 4.88 -49.63
N LYS D 129 18.85 4.06 -50.04
CA LYS D 129 18.74 2.69 -49.53
C LYS D 129 20.10 2.00 -49.57
N ASN D 130 20.66 1.91 -50.77
CA ASN D 130 21.97 1.29 -50.98
C ASN D 130 23.07 1.93 -50.14
N LYS D 131 22.99 3.25 -49.98
CA LYS D 131 23.94 3.96 -49.12
C LYS D 131 23.84 3.43 -47.69
N ILE D 132 22.63 3.45 -47.15
CA ILE D 132 22.39 2.98 -45.80
C ILE D 132 22.67 1.50 -45.67
N LEU D 133 22.34 0.73 -46.71
CA LEU D 133 22.60 -0.71 -46.68
C LEU D 133 24.11 -1.00 -46.69
N GLU D 134 24.87 -0.16 -47.38
CA GLU D 134 26.32 -0.33 -47.44
C GLU D 134 26.97 0.15 -46.15
N LYS D 135 26.48 1.26 -45.62
CA LYS D 135 27.12 1.90 -44.48
C LYS D 135 26.66 1.34 -43.14
N GLU D 136 25.35 1.14 -43.00
CA GLU D 136 24.79 0.65 -41.74
C GLU D 136 24.15 -0.72 -41.84
N LYS D 137 24.29 -1.39 -42.97
CA LYS D 137 23.74 -2.75 -43.11
C LYS D 137 22.23 -2.77 -42.90
N ILE D 138 21.64 -1.58 -42.91
CA ILE D 138 20.23 -1.42 -42.62
C ILE D 138 19.40 -1.20 -43.89
N THR D 139 18.49 -2.11 -44.17
CA THR D 139 17.54 -1.91 -45.26
C THR D 139 16.44 -0.95 -44.77
N VAL D 140 15.96 -0.08 -45.67
CA VAL D 140 14.90 0.91 -45.37
C VAL D 140 13.90 0.99 -46.51
N THR D 141 12.76 1.63 -46.27
CA THR D 141 11.76 1.82 -47.30
C THR D 141 11.60 3.30 -47.58
N VAL D 142 11.62 3.66 -48.86
CA VAL D 142 11.51 5.05 -49.23
C VAL D 142 10.13 5.27 -49.77
N GLY D 143 9.41 6.18 -49.10
CA GLY D 143 8.11 6.59 -49.55
C GLY D 143 8.28 7.97 -50.12
N ILE D 144 7.87 8.15 -51.37
CA ILE D 144 8.04 9.44 -52.03
C ILE D 144 6.74 9.92 -52.66
N SER D 145 6.32 11.13 -52.28
CA SER D 145 5.15 11.75 -52.88
C SER D 145 5.11 13.23 -52.57
N LYS D 146 3.99 13.87 -52.88
CA LYS D 146 3.90 15.33 -52.86
C LYS D 146 3.91 15.92 -51.45
N ASN D 147 3.52 15.13 -50.47
CA ASN D 147 3.53 15.57 -49.08
C ASN D 147 4.07 14.50 -48.15
N LYS D 148 4.31 14.88 -46.90
CA LYS D 148 4.84 13.98 -45.89
C LYS D 148 3.91 12.79 -45.67
N VAL D 149 2.61 13.03 -45.72
CA VAL D 149 1.64 11.98 -45.44
C VAL D 149 1.69 10.88 -46.48
N PHE D 150 1.66 11.27 -47.75
CA PHE D 150 1.71 10.28 -48.82
C PHE D 150 3.14 9.79 -49.03
N ALA D 151 4.10 10.59 -48.58
CA ALA D 151 5.48 10.13 -48.50
C ALA D 151 5.51 8.95 -47.54
N LYS D 152 4.81 9.08 -46.42
CA LYS D 152 4.72 7.98 -45.44
C LYS D 152 3.92 6.80 -45.96
N ILE D 153 2.82 7.08 -46.66
CA ILE D 153 1.96 6.00 -47.13
C ILE D 153 2.67 5.20 -48.21
N ALA D 154 3.43 5.88 -49.06
CA ALA D 154 4.25 5.21 -50.04
C ALA D 154 5.15 4.19 -49.37
N ALA D 155 5.79 4.62 -48.27
CA ALA D 155 6.64 3.75 -47.47
C ALA D 155 5.82 2.64 -46.82
N ASP D 156 4.67 3.02 -46.25
CA ASP D 156 3.77 2.05 -45.63
C ASP D 156 3.44 0.88 -46.56
N MET D 157 3.34 1.14 -47.85
CA MET D 157 2.93 0.11 -48.83
C MET D 157 4.10 -0.73 -49.38
N ALA D 158 5.29 -0.13 -49.47
CA ALA D 158 6.46 -0.82 -49.99
C ALA D 158 7.34 -1.36 -48.88
N LYS D 159 6.77 -1.47 -47.68
CA LYS D 159 7.55 -1.60 -46.44
C LYS D 159 8.79 -2.51 -46.46
N PRO D 160 8.59 -3.84 -46.50
CA PRO D 160 9.79 -4.64 -46.27
C PRO D 160 10.81 -4.40 -47.38
N ASN D 161 11.83 -3.61 -47.08
CA ASN D 161 12.88 -3.27 -48.04
C ASN D 161 12.32 -2.86 -49.41
N GLY D 162 11.69 -1.70 -49.47
CA GLY D 162 11.04 -1.27 -50.69
C GLY D 162 11.21 0.19 -51.01
N ILE D 163 10.84 0.56 -52.24
CA ILE D 163 10.87 1.95 -52.66
C ILE D 163 9.66 2.26 -53.51
N LYS D 164 8.83 3.16 -53.01
CA LYS D 164 7.56 3.46 -53.66
C LYS D 164 7.42 4.94 -53.92
N VAL D 165 7.19 5.28 -55.19
CA VAL D 165 6.72 6.60 -55.56
C VAL D 165 5.22 6.48 -55.76
N ILE D 166 4.45 7.27 -54.99
CA ILE D 166 3.03 7.39 -55.25
C ILE D 166 2.82 8.61 -56.13
N ASP D 167 2.78 8.40 -57.45
CA ASP D 167 2.66 9.51 -58.39
C ASP D 167 1.33 10.24 -58.19
N ASP D 168 1.20 11.39 -58.84
CA ASP D 168 0.03 12.24 -58.65
C ASP D 168 -1.27 11.55 -59.06
N GLU D 169 -1.17 10.69 -60.07
CA GLU D 169 -2.28 9.85 -60.51
C GLU D 169 -2.67 8.84 -59.41
N GLU D 170 -1.68 8.41 -58.63
CA GLU D 170 -1.91 7.46 -57.55
C GLU D 170 -2.27 8.16 -56.23
N VAL D 171 -1.96 9.44 -56.13
CA VAL D 171 -2.37 10.22 -54.95
C VAL D 171 -3.88 10.34 -54.92
N LYS D 172 -4.49 10.46 -56.10
CA LYS D 172 -5.94 10.51 -56.25
C LYS D 172 -6.51 9.11 -56.05
N ARG D 173 -5.94 8.14 -56.77
CA ARG D 173 -6.34 6.73 -56.66
C ARG D 173 -6.41 6.30 -55.20
N LEU D 174 -5.43 6.72 -54.40
CA LEU D 174 -5.39 6.39 -52.98
C LEU D 174 -6.51 7.04 -52.18
N ILE D 175 -6.66 8.35 -52.32
CA ILE D 175 -7.76 9.07 -51.66
C ILE D 175 -9.09 8.30 -51.83
N ARG D 176 -9.18 7.51 -52.90
CA ARG D 176 -10.33 6.63 -53.11
C ARG D 176 -10.09 5.20 -52.61
N GLU D 177 -8.96 4.62 -53.00
CA GLU D 177 -8.64 3.24 -52.61
C GLU D 177 -8.18 3.12 -51.15
N LEU D 178 -7.32 4.03 -50.72
CA LEU D 178 -6.71 3.94 -49.40
C LEU D 178 -7.70 4.03 -48.24
N ASP D 179 -7.63 3.04 -47.37
CA ASP D 179 -8.44 2.97 -46.17
C ASP D 179 -8.13 4.14 -45.23
N ILE D 180 -9.15 4.70 -44.61
CA ILE D 180 -8.99 5.86 -43.73
C ILE D 180 -8.10 5.55 -42.52
N ALA D 181 -8.20 4.32 -42.01
CA ALA D 181 -7.39 3.92 -40.87
C ALA D 181 -5.91 3.91 -41.25
N ASP D 182 -5.63 3.77 -42.53
CA ASP D 182 -4.25 3.75 -43.03
C ASP D 182 -3.65 5.14 -43.19
N VAL D 183 -4.46 6.18 -43.00
CA VAL D 183 -3.93 7.55 -42.99
C VAL D 183 -3.16 7.81 -41.70
N PRO D 184 -1.90 8.26 -41.82
CA PRO D 184 -1.08 8.60 -40.67
C PRO D 184 -1.80 9.61 -39.77
N GLY D 185 -1.94 9.30 -38.49
CA GLY D 185 -2.63 10.17 -37.57
C GLY D 185 -4.03 9.64 -37.29
N ILE D 186 -4.46 8.68 -38.10
CA ILE D 186 -5.73 8.01 -37.87
C ILE D 186 -5.50 6.66 -37.19
N GLY D 187 -5.88 6.59 -35.92
CA GLY D 187 -5.74 5.36 -35.14
C GLY D 187 -7.08 4.67 -34.98
N ASN D 188 -7.10 3.62 -34.17
CA ASN D 188 -8.27 2.78 -34.01
C ASN D 188 -9.48 3.51 -33.42
N ILE D 189 -9.21 4.56 -32.66
CA ILE D 189 -10.28 5.33 -32.05
C ILE D 189 -10.94 6.26 -33.07
N THR D 190 -10.12 7.00 -33.79
CA THR D 190 -10.61 7.90 -34.83
C THR D 190 -11.22 7.13 -35.99
N ALA D 191 -10.54 6.06 -36.41
CA ALA D 191 -11.03 5.20 -37.48
C ALA D 191 -12.40 4.63 -37.13
N GLU D 192 -12.56 4.20 -35.88
CA GLU D 192 -13.85 3.71 -35.40
C GLU D 192 -14.91 4.81 -35.32
N LYS D 193 -14.49 6.03 -35.03
CA LYS D 193 -15.41 7.17 -35.02
C LYS D 193 -15.87 7.51 -36.43
N LEU D 194 -15.00 7.24 -37.40
CA LEU D 194 -15.28 7.55 -38.79
C LEU D 194 -16.19 6.50 -39.42
N LYS D 195 -16.05 5.25 -38.99
CA LYS D 195 -16.90 4.17 -39.46
C LYS D 195 -18.34 4.30 -38.95
N LYS D 196 -18.50 4.88 -37.76
CA LYS D 196 -19.84 5.20 -37.25
C LYS D 196 -20.45 6.28 -38.13
N LEU D 197 -19.58 7.15 -38.67
CA LEU D 197 -20.03 8.22 -39.56
C LEU D 197 -20.25 7.71 -40.98
N GLY D 198 -19.72 6.53 -41.26
CA GLY D 198 -19.81 5.93 -42.59
C GLY D 198 -18.52 6.12 -43.36
N ILE D 199 -17.68 7.04 -42.89
CA ILE D 199 -16.41 7.34 -43.54
C ILE D 199 -15.46 6.15 -43.48
N ASN D 200 -15.15 5.59 -44.64
CA ASN D 200 -14.25 4.46 -44.72
C ASN D 200 -13.04 4.77 -45.58
N LYS D 201 -13.15 5.83 -46.36
CA LYS D 201 -12.09 6.25 -47.27
C LYS D 201 -11.75 7.70 -47.01
N LEU D 202 -10.57 8.12 -47.44
CA LEU D 202 -10.18 9.53 -47.34
C LEU D 202 -11.22 10.40 -48.03
N VAL D 203 -11.57 10.02 -49.26
CA VAL D 203 -12.52 10.78 -50.07
C VAL D 203 -13.88 10.94 -49.39
N ASP D 204 -14.29 9.92 -48.62
CA ASP D 204 -15.56 9.95 -47.90
C ASP D 204 -15.67 11.12 -46.91
N THR D 205 -14.55 11.81 -46.69
CA THR D 205 -14.55 12.97 -45.80
C THR D 205 -15.19 14.17 -46.50
N LEU D 206 -15.05 14.19 -47.82
CA LEU D 206 -15.60 15.27 -48.64
C LEU D 206 -17.12 15.27 -48.66
N SER D 207 -17.71 14.08 -48.50
CA SER D 207 -19.16 13.92 -48.52
C SER D 207 -19.79 14.13 -47.13
N ILE D 208 -19.10 14.88 -46.28
CA ILE D 208 -19.55 15.11 -44.91
C ILE D 208 -19.20 16.52 -44.43
N GLU D 209 -20.16 17.18 -43.79
CA GLU D 209 -19.97 18.54 -43.28
C GLU D 209 -18.93 18.58 -42.16
N PHE D 210 -18.17 19.67 -42.11
CA PHE D 210 -17.04 19.82 -41.19
C PHE D 210 -17.39 19.69 -39.71
N ASP D 211 -18.58 20.16 -39.34
CA ASP D 211 -19.04 20.14 -37.95
C ASP D 211 -19.37 18.71 -37.51
N LYS D 212 -19.93 17.95 -38.45
CA LYS D 212 -20.23 16.54 -38.24
C LYS D 212 -18.93 15.79 -37.92
N LEU D 213 -17.84 16.25 -38.53
CA LEU D 213 -16.54 15.62 -38.41
C LEU D 213 -15.74 16.19 -37.24
N LYS D 214 -15.79 17.51 -37.07
CA LYS D 214 -15.14 18.19 -35.96
C LYS D 214 -15.73 17.72 -34.63
N GLY D 215 -17.05 17.56 -34.60
CA GLY D 215 -17.74 17.12 -33.38
C GLY D 215 -17.25 15.77 -32.90
N MET D 216 -16.74 14.98 -33.84
CA MET D 216 -16.34 13.61 -33.56
C MET D 216 -14.84 13.49 -33.30
N ILE D 217 -14.05 13.95 -34.25
CA ILE D 217 -12.61 13.71 -34.23
C ILE D 217 -11.80 14.97 -33.90
N GLY D 218 -12.49 16.08 -33.67
CA GLY D 218 -11.82 17.33 -33.33
C GLY D 218 -11.45 18.13 -34.57
N GLU D 219 -10.85 19.30 -34.38
CA GLU D 219 -10.60 20.22 -35.49
C GLU D 219 -9.34 19.89 -36.28
N ALA D 220 -8.23 19.64 -35.60
CA ALA D 220 -6.98 19.35 -36.30
C ALA D 220 -7.13 18.11 -37.20
N LYS D 221 -7.68 17.04 -36.64
CA LYS D 221 -7.91 15.83 -37.42
C LYS D 221 -8.94 16.04 -38.55
N ALA D 222 -9.90 16.92 -38.31
CA ALA D 222 -10.88 17.27 -39.35
C ALA D 222 -10.24 18.00 -40.53
N LYS D 223 -9.50 19.07 -40.23
CA LYS D 223 -8.75 19.80 -41.25
C LYS D 223 -7.83 18.86 -42.01
N TYR D 224 -6.97 18.19 -41.25
CA TYR D 224 -6.00 17.24 -41.78
C TYR D 224 -6.60 16.28 -42.80
N LEU D 225 -7.67 15.60 -42.41
CA LEU D 225 -8.27 14.56 -43.23
C LEU D 225 -8.80 15.09 -44.55
N ILE D 226 -9.77 16.00 -44.47
CA ILE D 226 -10.41 16.55 -45.65
C ILE D 226 -9.39 17.29 -46.52
N SER D 227 -8.35 17.81 -45.89
CA SER D 227 -7.26 18.46 -46.61
C SER D 227 -6.47 17.47 -47.47
N LEU D 228 -6.14 16.31 -46.90
CA LEU D 228 -5.47 15.23 -47.63
C LEU D 228 -6.35 14.73 -48.79
N ALA D 229 -7.66 14.67 -48.55
CA ALA D 229 -8.61 14.25 -49.57
C ALA D 229 -8.77 15.33 -50.63
N ARG D 230 -8.91 16.59 -50.21
CA ARG D 230 -8.95 17.72 -51.14
C ARG D 230 -7.57 17.98 -51.75
N ASP D 231 -6.59 17.17 -51.32
CA ASP D 231 -5.23 17.22 -51.86
C ASP D 231 -4.51 18.54 -51.59
N GLU D 232 -4.92 19.24 -50.55
CA GLU D 232 -4.35 20.55 -50.22
C GLU D 232 -3.59 20.55 -48.89
N TYR D 233 -2.88 19.46 -48.62
CA TYR D 233 -2.17 19.29 -47.35
C TYR D 233 -0.88 20.11 -47.29
N ASN D 234 -1.01 21.37 -46.91
CA ASN D 234 0.13 22.27 -46.76
C ASN D 234 0.93 21.94 -45.50
N GLU D 235 1.95 21.10 -45.64
CA GLU D 235 2.81 20.77 -44.50
C GLU D 235 4.24 20.47 -44.90
N PRO D 236 5.16 21.34 -44.49
CA PRO D 236 6.57 21.28 -44.83
C PRO D 236 7.42 20.52 -43.80
N ILE D 237 8.41 19.79 -44.29
CA ILE D 237 9.45 19.23 -43.45
C ILE D 237 9.93 20.29 -42.48
N ARG D 238 9.92 19.97 -41.20
CA ARG D 238 10.35 20.91 -40.18
C ARG D 238 11.26 20.21 -39.17
N THR D 239 12.30 20.91 -38.73
CA THR D 239 13.21 20.34 -37.76
C THR D 239 12.44 20.10 -36.47
N ARG D 240 12.10 18.85 -36.21
CA ARG D 240 11.42 18.49 -34.97
C ARG D 240 12.42 18.48 -33.82
N VAL D 241 12.12 19.26 -32.78
CA VAL D 241 12.96 19.34 -31.60
C VAL D 241 12.37 18.49 -30.47
N ARG D 242 13.20 17.70 -29.81
CA ARG D 242 12.73 16.94 -28.67
C ARG D 242 12.13 17.90 -27.64
N LYS D 243 10.94 17.58 -27.15
CA LYS D 243 10.17 18.50 -26.31
C LYS D 243 9.98 18.00 -24.90
N SER D 244 10.16 16.70 -24.71
CA SER D 244 9.94 16.10 -23.40
C SER D 244 10.70 14.80 -23.25
N ILE D 245 11.34 14.65 -22.10
CA ILE D 245 12.06 13.46 -21.74
C ILE D 245 11.39 12.90 -20.49
N GLY D 246 11.21 11.58 -20.46
CA GLY D 246 10.60 10.99 -19.30
C GLY D 246 10.89 9.51 -19.16
N ARG D 247 10.44 8.96 -18.05
CA ARG D 247 10.59 7.57 -17.80
C ARG D 247 9.44 7.15 -16.93
N ILE D 248 8.79 6.06 -17.30
CA ILE D 248 7.75 5.46 -16.49
C ILE D 248 8.38 4.19 -15.96
N VAL D 249 8.19 3.93 -14.68
CA VAL D 249 8.72 2.69 -14.12
C VAL D 249 7.60 1.88 -13.52
N THR D 250 7.41 0.68 -14.05
CA THR D 250 6.43 -0.23 -13.51
C THR D 250 6.85 -0.63 -12.11
N MET D 251 5.98 -0.39 -11.15
CA MET D 251 6.27 -0.79 -9.78
C MET D 251 6.05 -2.29 -9.61
N LYS D 252 6.85 -2.88 -8.72
CA LYS D 252 6.80 -4.31 -8.43
C LYS D 252 5.51 -4.67 -7.70
N ARG D 253 4.55 -3.74 -7.72
CA ARG D 253 3.23 -3.94 -7.11
C ARG D 253 2.47 -2.63 -7.08
N ASN D 254 1.19 -2.67 -7.46
CA ASN D 254 0.34 -1.51 -7.34
C ASN D 254 0.49 -0.96 -5.94
N SER D 255 0.41 0.36 -5.81
CA SER D 255 0.58 0.98 -4.51
C SER D 255 0.04 2.40 -4.49
N ARG D 256 -0.54 2.78 -3.37
CA ARG D 256 -0.89 4.16 -3.10
C ARG D 256 0.03 4.67 -2.00
N ASN D 257 0.96 3.80 -1.59
CA ASN D 257 1.95 4.12 -0.58
C ASN D 257 2.98 5.12 -1.11
N LEU D 258 2.78 6.40 -0.79
CA LEU D 258 3.63 7.47 -1.28
C LEU D 258 5.13 7.18 -1.12
N GLU D 259 5.50 6.54 -0.02
CA GLU D 259 6.90 6.28 0.26
C GLU D 259 7.44 5.04 -0.44
N GLU D 260 6.55 4.19 -0.92
CA GLU D 260 6.95 2.98 -1.63
C GLU D 260 7.00 3.25 -3.12
N ILE D 261 6.23 4.25 -3.54
CA ILE D 261 6.19 4.70 -4.92
C ILE D 261 7.39 5.61 -5.18
N LYS D 262 7.76 6.38 -4.17
CA LYS D 262 8.86 7.35 -4.28
C LYS D 262 10.17 6.79 -4.86
N PRO D 263 10.64 5.65 -4.32
CA PRO D 263 11.91 5.11 -4.86
C PRO D 263 11.81 4.84 -6.35
N TYR D 264 10.63 4.52 -6.83
CA TYR D 264 10.40 4.29 -8.25
C TYR D 264 10.32 5.60 -9.00
N LEU D 265 9.60 6.56 -8.40
CA LEU D 265 9.49 7.91 -8.94
C LEU D 265 10.87 8.55 -9.10
N PHE D 266 11.74 8.29 -8.13
CA PHE D 266 13.09 8.84 -8.10
C PHE D 266 13.97 8.17 -9.17
N ARG D 267 13.78 6.87 -9.34
CA ARG D 267 14.46 6.13 -10.40
C ARG D 267 14.05 6.70 -11.74
N ALA D 268 12.77 6.98 -11.91
CA ALA D 268 12.28 7.60 -13.14
C ALA D 268 12.91 8.98 -13.33
N ILE D 269 13.01 9.74 -12.25
CA ILE D 269 13.67 11.05 -12.29
C ILE D 269 15.14 10.86 -12.62
N GLU D 270 15.78 9.90 -11.94
CA GLU D 270 17.19 9.60 -12.19
C GLU D 270 17.46 9.27 -13.66
N GLU D 271 16.65 8.41 -14.24
CA GLU D 271 16.83 8.06 -15.64
C GLU D 271 16.42 9.21 -16.54
N SER D 272 15.40 9.96 -16.15
CA SER D 272 15.00 11.12 -16.94
C SER D 272 16.11 12.13 -16.99
N TYR D 273 16.80 12.32 -15.87
CA TYR D 273 17.89 13.26 -15.80
C TYR D 273 19.14 12.79 -16.51
N TYR D 274 19.34 11.48 -16.53
CA TYR D 274 20.36 10.90 -17.39
C TYR D 274 20.00 11.16 -18.84
N LYS D 275 18.73 10.96 -19.16
CA LYS D 275 18.27 11.13 -20.53
C LYS D 275 18.34 12.59 -20.96
N LEU D 276 17.88 13.51 -20.11
CA LEU D 276 17.96 14.95 -20.39
C LEU D 276 19.36 15.35 -20.77
N ASP D 277 20.32 14.98 -19.94
CA ASP D 277 21.73 15.23 -20.24
C ASP D 277 21.97 16.64 -20.78
N LYS D 278 22.23 17.58 -19.88
CA LYS D 278 22.52 18.95 -20.27
C LYS D 278 21.24 19.75 -20.50
N ARG D 279 20.26 19.13 -21.13
CA ARG D 279 18.95 19.76 -21.28
C ARG D 279 18.36 20.05 -19.91
N ILE D 280 17.96 21.29 -19.69
CA ILE D 280 17.37 21.68 -18.42
C ILE D 280 15.87 21.93 -18.56
N PRO D 281 15.05 21.10 -17.91
CA PRO D 281 13.61 21.24 -18.03
C PRO D 281 13.06 22.33 -17.09
N LYS D 282 12.00 23.00 -17.51
CA LYS D 282 11.34 23.95 -16.63
C LYS D 282 10.02 23.39 -16.15
N ALA D 283 9.56 22.32 -16.79
CA ALA D 283 8.33 21.65 -16.42
C ALA D 283 8.59 20.22 -15.98
N ILE D 284 7.90 19.81 -14.92
CA ILE D 284 7.89 18.42 -14.50
C ILE D 284 6.45 17.95 -14.34
N HIS D 285 6.19 16.74 -14.82
CA HIS D 285 4.90 16.10 -14.60
C HIS D 285 5.16 14.75 -14.01
N VAL D 286 4.49 14.43 -12.91
CA VAL D 286 4.57 13.09 -12.38
C VAL D 286 3.42 12.31 -12.99
N VAL D 287 3.79 11.33 -13.80
CA VAL D 287 2.81 10.55 -14.52
C VAL D 287 2.58 9.25 -13.75
N ALA D 288 1.32 9.04 -13.38
CA ALA D 288 0.92 7.84 -12.68
C ALA D 288 0.09 6.98 -13.60
N VAL D 289 0.52 5.74 -13.79
CA VAL D 289 -0.31 4.77 -14.46
C VAL D 289 -1.10 4.03 -13.39
N THR D 290 -2.41 4.21 -13.40
CA THR D 290 -3.25 3.64 -12.36
C THR D 290 -3.38 2.14 -12.55
N GLU D 291 -3.88 1.46 -11.52
CA GLU D 291 -4.09 0.02 -11.54
C GLU D 291 -4.89 -0.40 -12.77
N ASP D 292 -5.99 0.30 -13.02
CA ASP D 292 -6.84 0.02 -14.19
C ASP D 292 -6.21 0.57 -15.47
N LEU D 293 -4.88 0.54 -15.51
CA LEU D 293 -4.10 0.93 -16.69
C LEU D 293 -4.39 2.33 -17.24
N ASP D 294 -4.96 3.19 -16.41
CA ASP D 294 -5.20 4.56 -16.86
C ASP D 294 -4.00 5.45 -16.51
N ILE D 295 -3.88 6.57 -17.19
CA ILE D 295 -2.76 7.47 -16.95
C ILE D 295 -3.23 8.80 -16.37
N VAL D 296 -2.66 9.16 -15.22
CA VAL D 296 -2.93 10.44 -14.61
C VAL D 296 -1.61 11.19 -14.46
N SER D 297 -1.62 12.49 -14.73
CA SER D 297 -0.42 13.28 -14.58
C SER D 297 -0.68 14.59 -13.83
N ARG D 298 0.22 14.91 -12.90
CA ARG D 298 0.23 16.20 -12.26
C ARG D 298 1.56 16.84 -12.57
N GLY D 299 1.52 18.10 -12.97
CA GLY D 299 2.72 18.79 -13.38
C GLY D 299 2.89 20.20 -12.85
N ARG D 300 4.12 20.65 -12.83
CA ARG D 300 4.42 22.03 -12.49
C ARG D 300 5.41 22.57 -13.51
N THR D 301 5.18 23.81 -13.92
CA THR D 301 6.12 24.53 -14.74
C THR D 301 6.73 25.61 -13.86
N PHE D 302 8.05 25.56 -13.71
CA PHE D 302 8.76 26.55 -12.94
C PHE D 302 9.18 27.68 -13.87
N PRO D 303 9.46 28.87 -13.30
CA PRO D 303 9.99 29.96 -14.11
C PRO D 303 11.49 29.80 -14.33
N HIS D 304 12.04 28.68 -13.90
CA HIS D 304 13.47 28.41 -14.04
C HIS D 304 13.68 26.94 -14.33
N GLY D 305 14.91 26.58 -14.66
CA GLY D 305 15.27 25.18 -14.83
C GLY D 305 15.04 24.39 -13.55
N ILE D 306 14.78 23.10 -13.70
CA ILE D 306 14.54 22.23 -12.56
C ILE D 306 15.80 21.44 -12.24
N SER D 307 16.37 21.66 -11.07
CA SER D 307 17.51 20.89 -10.61
C SER D 307 16.98 19.52 -10.23
N LYS D 308 17.86 18.52 -10.23
CA LYS D 308 17.42 17.18 -9.90
C LYS D 308 16.78 17.16 -8.50
N GLU D 309 17.40 17.90 -7.57
CA GLU D 309 16.87 18.05 -6.22
C GLU D 309 15.45 18.59 -6.22
N THR D 310 15.18 19.61 -7.03
CA THR D 310 13.86 20.17 -7.16
C THR D 310 12.89 19.16 -7.81
N ALA D 311 13.40 18.43 -8.80
CA ALA D 311 12.65 17.35 -9.42
C ALA D 311 12.27 16.28 -8.39
N TYR D 312 13.23 15.92 -7.54
CA TYR D 312 12.95 15.01 -6.43
C TYR D 312 11.87 15.56 -5.49
N SER D 313 11.95 16.84 -5.18
CA SER D 313 11.05 17.45 -4.20
C SER D 313 9.68 17.78 -4.79
N GLU D 314 9.68 18.31 -6.00
CA GLU D 314 8.43 18.68 -6.64
C GLU D 314 7.69 17.42 -7.03
N SER D 315 8.44 16.42 -7.48
CA SER D 315 7.86 15.16 -7.92
C SER D 315 7.02 14.55 -6.81
N VAL D 316 7.50 14.65 -5.58
CA VAL D 316 6.78 14.10 -4.46
C VAL D 316 5.46 14.84 -4.30
N LYS D 317 5.52 16.17 -4.31
CA LYS D 317 4.32 17.00 -4.20
C LYS D 317 3.31 16.67 -5.30
N LEU D 318 3.82 16.45 -6.51
CA LEU D 318 2.99 16.05 -7.64
C LEU D 318 2.47 14.63 -7.47
N LEU D 319 3.27 13.78 -6.83
CA LEU D 319 2.83 12.43 -6.50
C LEU D 319 1.67 12.52 -5.52
N GLN D 320 1.85 13.33 -4.48
CA GLN D 320 0.83 13.56 -3.46
C GLN D 320 -0.46 14.10 -4.08
N LYS D 321 -0.32 15.11 -4.92
CA LYS D 321 -1.43 15.71 -5.66
C LYS D 321 -2.29 14.63 -6.33
N ILE D 322 -1.63 13.64 -6.92
CA ILE D 322 -2.33 12.53 -7.55
C ILE D 322 -2.98 11.67 -6.47
N LEU D 323 -2.23 11.41 -5.40
CA LEU D 323 -2.73 10.61 -4.28
C LEU D 323 -3.80 11.33 -3.45
N GLU D 324 -4.38 12.37 -4.04
CA GLU D 324 -5.44 13.13 -3.40
C GLU D 324 -6.55 13.37 -4.41
N GLU D 325 -6.15 13.68 -5.64
CA GLU D 325 -7.11 13.97 -6.70
C GLU D 325 -7.48 12.70 -7.45
N ASP D 326 -6.86 11.60 -7.07
CA ASP D 326 -7.22 10.29 -7.59
C ASP D 326 -7.08 9.22 -6.52
N GLU D 327 -8.09 8.36 -6.43
CA GLU D 327 -8.16 7.34 -5.39
C GLU D 327 -7.71 6.01 -5.95
N ARG D 328 -7.59 5.93 -7.26
CA ARG D 328 -7.12 4.72 -7.92
C ARG D 328 -5.73 4.35 -7.45
N LYS D 329 -5.43 3.06 -7.47
CA LYS D 329 -4.12 2.55 -7.07
C LYS D 329 -3.16 2.68 -8.26
N ILE D 330 -1.90 2.98 -7.96
CA ILE D 330 -0.91 3.24 -9.00
C ILE D 330 -0.11 1.99 -9.36
N ARG D 331 0.03 1.72 -10.65
CA ARG D 331 0.77 0.58 -11.15
C ARG D 331 2.15 1.00 -11.66
N ARG D 332 2.15 2.01 -12.53
CA ARG D 332 3.38 2.55 -13.06
C ARG D 332 3.54 4.00 -12.62
N ILE D 333 4.70 4.32 -12.07
CA ILE D 333 4.99 5.69 -11.69
C ILE D 333 6.19 6.20 -12.46
N GLY D 334 6.03 7.35 -13.06
CA GLY D 334 7.11 7.92 -13.83
C GLY D 334 7.07 9.41 -13.79
N VAL D 335 7.85 10.02 -14.68
CA VAL D 335 8.00 11.46 -14.67
C VAL D 335 8.28 11.93 -16.08
N ARG D 336 7.81 13.11 -16.41
CA ARG D 336 8.09 13.67 -17.71
C ARG D 336 8.60 15.07 -17.54
N PHE D 337 9.64 15.39 -18.30
CA PHE D 337 10.26 16.68 -18.22
C PHE D 337 10.15 17.36 -19.55
N SER D 338 9.89 18.66 -19.51
CA SER D 338 9.58 19.41 -20.71
C SER D 338 9.93 20.89 -20.55
N LYS D 339 9.67 21.65 -21.60
CA LYS D 339 9.99 23.08 -21.62
C LYS D 339 11.47 23.30 -21.30
N PHE D 340 12.31 22.79 -22.18
CA PHE D 340 13.75 22.86 -21.99
C PHE D 340 14.25 24.24 -22.29
N ILE D 341 15.26 24.66 -21.55
CA ILE D 341 15.82 25.99 -21.70
C ILE D 341 16.54 26.12 -23.05
P 2DA E 13 4.21 5.08 -37.25
OP1 2DA E 13 4.63 5.34 -38.64
OP2 2DA E 13 3.43 3.85 -36.96
O5' 2DA E 13 5.54 5.06 -36.37
C5' 2DA E 13 6.01 6.37 -36.06
C4' 2DA E 13 7.24 6.23 -35.19
O4' 2DA E 13 6.87 6.47 -33.81
C3' 2DA E 13 7.83 4.83 -35.22
C2' 2DA E 13 8.45 4.69 -33.82
C1' 2DA E 13 7.47 5.50 -32.98
N9 2DA E 13 6.38 4.74 -32.35
C8 2DA E 13 5.19 4.38 -32.91
N7 2DA E 13 4.40 3.72 -32.11
C5 2DA E 13 5.11 3.65 -30.94
C6 2DA E 13 4.81 3.08 -29.69
N6 2DA E 13 3.65 2.44 -29.47
N1 2DA E 13 5.73 3.17 -28.72
C2 2DA E 13 6.88 3.81 -28.97
N3 2DA E 13 7.28 4.39 -30.10
C4 2DA E 13 6.34 4.28 -31.05
P 8OG F 6 6.89 -0.59 -19.07
OP1 8OG F 6 7.71 -1.05 -17.88
OP2 8OG F 6 5.93 0.58 -18.96
O5' 8OG F 6 7.91 -0.29 -20.26
C5' 8OG F 6 8.93 0.69 -20.20
C4' 8OG F 6 8.66 1.55 -21.39
O4' 8OG F 6 8.07 1.06 -22.62
C3' 8OG F 6 8.74 2.85 -21.36
O3' 8OG F 6 9.85 3.36 -21.35
C2' 8OG F 6 7.64 3.44 -22.17
C1' 8OG F 6 7.40 2.27 -23.07
N9 8OG F 6 6.55 2.30 -24.14
C8 8OG F 6 6.87 2.56 -25.41
N7 8OG F 6 5.81 2.52 -26.23
C5 8OG F 6 4.76 2.20 -25.43
C6 8OG F 6 3.32 1.99 -25.64
O6 8OG F 6 2.83 2.10 -26.78
N1 8OG F 6 2.57 1.69 -24.55
C2 8OG F 6 3.10 1.57 -23.30
N2 8OG F 6 2.31 1.27 -22.25
N3 8OG F 6 4.40 1.76 -23.04
C4 8OG F 6 5.25 2.06 -24.03
O8 8OG F 6 8.04 2.83 -25.84
PG DGT G . -4.33 -16.09 27.09
O1G DGT G . -4.02 -14.68 26.59
O2G DGT G . -3.98 -17.34 26.30
O3G DGT G . -5.63 -15.91 26.34
O3B DGT G . -5.31 -16.29 28.34
PB DGT G . -4.70 -15.65 29.67
O1B DGT G . -3.24 -15.29 29.60
O2B DGT G . -4.85 -16.64 30.78
O3A DGT G . -5.66 -14.47 30.10
PA DGT G . -5.40 -12.91 29.78
O1A DGT G . -6.72 -12.33 29.36
O2A DGT G . -4.32 -12.63 28.78
O5' DGT G . -4.96 -12.26 31.15
C5' DGT G . -3.69 -12.66 31.67
C4' DGT G . -3.87 -13.08 33.11
O4' DGT G . -4.69 -12.10 33.73
C3' DGT G . -4.62 -14.39 33.32
O3' DGT G . -3.77 -15.54 33.37
C2' DGT G . -5.27 -14.19 34.66
C1' DGT G . -5.43 -12.67 34.80
N9 DGT G . -6.87 -12.55 34.56
C8 DGT G . -7.48 -12.39 33.33
N7 DGT G . -8.77 -12.36 33.41
C5 DGT G . -9.00 -12.54 34.78
C6 DGT G . -10.22 -12.58 35.47
O6 DGT G . -11.34 -12.49 34.96
N1 DGT G . -10.04 -12.76 36.84
C2 DGT G . -8.82 -12.87 37.50
N2 DGT G . -8.82 -13.04 38.82
N3 DGT G . -7.67 -12.82 36.84
C4 DGT G . -7.85 -12.65 35.50
CA CA H . -4.51 -9.87 26.76
CA CA I . -2.44 -13.76 28.04
CA CA J . -14.44 -6.84 21.80
PG DGT K . 8.87 -1.26 -40.01
O1G DGT K . 8.25 0.11 -40.18
O2G DGT K . 9.40 -2.00 -41.26
O3G DGT K . 7.53 -1.83 -40.42
O3B DGT K . 8.60 -2.05 -38.62
PB DGT K . 9.22 -1.23 -37.37
O1B DGT K . 10.17 -0.17 -37.85
O2B DGT K . 9.99 -2.16 -36.50
O3A DGT K . 8.00 -0.60 -36.52
PA DGT K . 7.80 0.99 -36.70
O1A DGT K . 6.33 1.35 -36.58
O2A DGT K . 8.29 1.49 -38.04
O5' DGT K . 8.62 1.70 -35.52
C5' DGT K . 10.05 1.62 -35.50
C4' DGT K . 10.54 1.23 -34.11
O4' DGT K . 9.73 1.86 -33.11
C3' DGT K . 10.39 -0.25 -33.87
O3' DGT K . 11.55 -0.98 -34.32
C2' DGT K . 10.19 -0.32 -32.38
C1' DGT K . 9.54 0.99 -31.99
N9 DGT K . 8.11 0.69 -31.75
C8 DGT K . 7.12 0.65 -32.70
N7 DGT K . 5.95 0.32 -32.22
C5 DGT K . 6.19 0.13 -30.87
C6 DGT K . 5.31 -0.25 -29.85
O6 DGT K . 4.09 -0.49 -29.94
N1 DGT K . 5.95 -0.34 -28.62
C2 DGT K . 7.29 -0.10 -28.38
N2 DGT K . 7.73 -0.24 -27.12
N3 DGT K . 8.12 0.24 -29.36
C4 DGT K . 7.51 0.34 -30.56
CA CA L . 7.25 4.23 -39.45
CA CA M . 10.06 1.42 -39.53
CA CA N . -2.70 5.40 -39.38
#